data_5JN9
#
_entry.id   5JN9
#
_cell.length_a   64.784
_cell.length_b   123.980
_cell.length_c   151.336
_cell.angle_alpha   90.00
_cell.angle_beta   90.00
_cell.angle_gamma   90.00
#
_symmetry.space_group_name_H-M   'P 21 21 21'
#
loop_
_entity.id
_entity.type
_entity.pdbx_description
1 polymer 'Carbonic anhydrase 4'
2 non-polymer 'ZINC ION'
3 non-polymer 6-ethoxy-1,3-benzothiazole-2-sulfonamide
4 non-polymer 'SULFATE ION'
5 non-polymer GLYCEROL
6 non-polymer 'ACETATE ION'
7 water water
#
_entity_poly.entity_id   1
_entity_poly.type   'polypeptide(L)'
_entity_poly.pdbx_seq_one_letter_code
;AESHWCYEVQAESSNYPCLVPVKWGGNCQKDRQSPINIVTTKAKVDKKLGRFFFSGYDKKQTWTVQNNGHSVMMLLENKA
SISGGGLPAPYQAKQLHLHWSDLPYKGSEHSLDGEHFAMEMHIVHEKEKGTSRNVKEAQDPEDEIAVLAFLVEAGTQVNE
GFQPLVEALSNIPKPEMSTTMAESSLLDLLPKEEKLRHYFRYLGSLTTPTCDEKVVWTVFREPIQLHREQILAFSQKLYY
DKEQTVSMKDNVRPLQQLGQRTVIKS
;
_entity_poly.pdbx_strand_id   A,B,C,D
#
loop_
_chem_comp.id
_chem_comp.type
_chem_comp.name
_chem_comp.formula
ACT non-polymer 'ACETATE ION' 'C2 H3 O2 -1'
EZL non-polymer 6-ethoxy-1,3-benzothiazole-2-sulfonamide 'C9 H10 N2 O3 S2'
GOL non-polymer GLYCEROL 'C3 H8 O3'
SO4 non-polymer 'SULFATE ION' 'O4 S -2'
ZN non-polymer 'ZINC ION' 'Zn 2'
#
# COMPACT_ATOMS: atom_id res chain seq x y z
N ALA A 1 -28.62 -29.45 0.43
CA ALA A 1 -27.46 -29.34 -0.50
C ALA A 1 -28.00 -29.18 -1.91
N GLU A 2 -28.39 -27.94 -2.22
CA GLU A 2 -28.89 -27.58 -3.55
C GLU A 2 -27.81 -27.29 -4.58
N SER A 3 -26.62 -26.91 -4.10
CA SER A 3 -25.37 -26.85 -4.91
C SER A 3 -24.14 -27.01 -4.01
N HIS A 4 -22.98 -27.13 -4.64
CA HIS A 4 -21.69 -27.30 -3.92
C HIS A 4 -21.33 -26.04 -3.18
N TRP A 5 -20.73 -26.20 -1.99
CA TRP A 5 -20.24 -25.04 -1.24
C TRP A 5 -19.15 -24.27 -2.01
N CYS A 6 -19.16 -22.97 -1.86
CA CYS A 6 -18.15 -22.13 -2.44
C CYS A 6 -17.88 -20.92 -1.54
N TYR A 7 -16.86 -20.15 -1.90
CA TYR A 7 -16.66 -18.82 -1.31
C TYR A 7 -17.41 -17.75 -2.14
N GLU A 8 -17.63 -16.60 -1.52
CA GLU A 8 -18.38 -15.52 -2.09
C GLU A 8 -17.82 -15.09 -3.46
N VAL A 9 -16.50 -14.95 -3.55
CA VAL A 9 -15.84 -14.55 -4.79
C VAL A 9 -16.22 -15.48 -5.95
N GLN A 10 -16.39 -16.77 -5.70
CA GLN A 10 -16.71 -17.73 -6.75
C GLN A 10 -18.14 -17.48 -7.27
N ALA A 11 -19.08 -17.28 -6.36
CA ALA A 11 -20.44 -16.91 -6.70
C ALA A 11 -20.51 -15.62 -7.52
N GLU A 12 -19.69 -14.65 -7.16
CA GLU A 12 -19.66 -13.33 -7.84
C GLU A 12 -18.90 -13.31 -9.18
N SER A 13 -18.01 -14.28 -9.40
CA SER A 13 -17.14 -14.28 -10.58
C SER A 13 -17.56 -15.24 -11.68
N SER A 14 -18.64 -15.99 -11.46
CA SER A 14 -19.09 -17.03 -12.37
C SER A 14 -20.61 -17.05 -12.33
N ASN A 15 -21.23 -17.48 -13.43
CA ASN A 15 -22.68 -17.63 -13.49
C ASN A 15 -23.17 -19.00 -13.02
N TYR A 16 -22.26 -19.91 -12.67
CA TYR A 16 -22.61 -21.25 -12.23
C TYR A 16 -22.96 -21.16 -10.75
N PRO A 17 -24.22 -21.43 -10.35
CA PRO A 17 -24.60 -21.29 -8.93
C PRO A 17 -23.84 -22.24 -7.96
N CYS A 18 -23.69 -21.78 -6.72
CA CYS A 18 -22.93 -22.46 -5.68
C CYS A 18 -23.36 -21.90 -4.32
N LEU A 19 -23.23 -22.66 -3.23
CA LEU A 19 -23.59 -22.13 -1.90
C LEU A 19 -22.50 -21.26 -1.24
N VAL A 20 -22.74 -19.95 -1.22
CA VAL A 20 -21.87 -18.98 -0.53
C VAL A 20 -21.83 -19.22 0.99
N PRO A 21 -20.84 -18.63 1.70
CA PRO A 21 -20.61 -19.04 3.10
C PRO A 21 -21.77 -18.94 4.08
N VAL A 22 -22.55 -17.90 3.93
CA VAL A 22 -23.66 -17.68 4.84
C VAL A 22 -24.74 -18.77 4.65
N LYS A 23 -24.69 -19.49 3.54
CA LYS A 23 -25.62 -20.59 3.20
C LYS A 23 -25.06 -21.99 3.39
N TRP A 24 -23.87 -22.14 3.92
CA TRP A 24 -23.25 -23.45 4.07
C TRP A 24 -24.01 -24.38 4.99
N GLY A 25 -23.99 -25.67 4.67
CA GLY A 25 -24.63 -26.70 5.45
C GLY A 25 -23.76 -27.29 6.56
N GLY A 26 -23.78 -28.60 6.72
CA GLY A 26 -23.01 -29.23 7.78
C GLY A 26 -23.32 -28.77 9.21
N ASN A 27 -22.22 -28.46 9.96
CA ASN A 27 -22.22 -27.82 11.27
C ASN A 27 -21.93 -26.32 11.20
N CYS A 28 -21.94 -25.80 9.97
CA CYS A 28 -21.40 -24.49 9.62
C CYS A 28 -22.26 -23.37 10.19
N GLN A 29 -23.52 -23.69 10.49
CA GLN A 29 -24.46 -22.78 11.12
C GLN A 29 -24.58 -22.92 12.65
N LYS A 30 -23.68 -23.64 13.31
CA LYS A 30 -23.72 -23.73 14.77
C LYS A 30 -23.01 -22.56 15.44
N ASP A 31 -22.72 -22.62 16.74
CA ASP A 31 -22.35 -21.42 17.52
C ASP A 31 -20.97 -21.39 18.19
N ARG A 32 -20.16 -22.38 17.90
CA ARG A 32 -18.76 -22.37 18.33
CA ARG A 32 -18.76 -22.39 18.31
C ARG A 32 -17.87 -22.42 17.05
N GLN A 33 -18.06 -21.45 16.18
CA GLN A 33 -17.46 -21.45 14.84
C GLN A 33 -16.21 -20.57 14.76
N SER A 34 -15.44 -20.81 13.69
CA SER A 34 -14.21 -20.08 13.39
C SER A 34 -14.25 -19.64 11.93
N PRO A 35 -13.50 -18.62 11.51
CA PRO A 35 -12.60 -17.81 12.32
C PRO A 35 -13.28 -16.78 13.20
N ILE A 36 -12.49 -16.15 14.06
CA ILE A 36 -12.94 -15.02 14.88
C ILE A 36 -12.02 -13.81 14.74
N ASN A 37 -12.52 -12.63 15.15
CA ASN A 37 -11.65 -11.51 15.55
C ASN A 37 -11.12 -11.77 16.97
N ILE A 38 -9.84 -11.48 17.19
CA ILE A 38 -9.25 -11.56 18.52
C ILE A 38 -8.87 -10.16 19.04
N VAL A 39 -9.53 -9.75 20.11
CA VAL A 39 -9.09 -8.59 20.84
C VAL A 39 -7.96 -9.00 21.77
N THR A 40 -6.75 -8.63 21.39
CA THR A 40 -5.56 -9.17 22.01
C THR A 40 -5.46 -8.78 23.46
N THR A 41 -5.85 -7.56 23.79
CA THR A 41 -5.74 -7.08 25.15
C THR A 41 -6.80 -7.67 26.06
N LYS A 42 -7.80 -8.30 25.48
CA LYS A 42 -8.85 -8.91 26.27
C LYS A 42 -8.63 -10.38 26.50
N ALA A 43 -7.64 -10.97 25.84
CA ALA A 43 -7.32 -12.37 26.04
C ALA A 43 -6.42 -12.45 27.26
N LYS A 44 -6.80 -13.29 28.22
CA LYS A 44 -6.04 -13.48 29.47
C LYS A 44 -4.85 -14.41 29.27
N VAL A 45 -3.74 -14.06 29.90
CA VAL A 45 -2.60 -14.93 29.98
C VAL A 45 -2.96 -16.16 30.79
N ASP A 46 -2.83 -17.34 30.19
CA ASP A 46 -2.92 -18.61 30.92
C ASP A 46 -1.50 -19.18 31.01
N LYS A 47 -1.03 -19.37 32.25
CA LYS A 47 0.34 -19.78 32.53
C LYS A 47 0.65 -21.21 32.08
N LYS A 48 -0.36 -22.04 31.97
CA LYS A 48 -0.21 -23.38 31.42
C LYS A 48 0.13 -23.46 29.91
N LEU A 49 0.00 -22.35 29.17
CA LEU A 49 0.32 -22.31 27.74
C LEU A 49 1.81 -22.05 27.60
N GLY A 50 2.59 -23.13 27.60
CA GLY A 50 4.04 -23.05 27.46
C GLY A 50 4.42 -23.27 26.03
N ARG A 51 5.72 -23.35 25.76
CA ARG A 51 6.20 -23.44 24.37
C ARG A 51 5.75 -24.74 23.64
N PHE A 52 5.72 -24.70 22.31
CA PHE A 52 5.49 -25.87 21.52
C PHE A 52 6.76 -26.64 21.36
N PHE A 53 6.61 -27.92 21.07
CA PHE A 53 7.69 -28.76 20.62
C PHE A 53 7.30 -29.32 19.30
N PHE A 54 8.09 -29.02 18.30
CA PHE A 54 7.84 -29.41 16.94
C PHE A 54 8.72 -30.63 16.66
N SER A 55 8.17 -31.66 16.03
CA SER A 55 8.96 -32.79 15.61
C SER A 55 8.73 -33.01 14.16
N GLY A 56 9.83 -33.22 13.43
CA GLY A 56 9.78 -33.40 11.98
C GLY A 56 9.69 -32.10 11.22
N TYR A 57 9.71 -30.96 11.95
CA TYR A 57 9.56 -29.63 11.33
C TYR A 57 10.84 -29.09 10.69
N ASP A 58 11.98 -29.56 11.18
CA ASP A 58 13.30 -29.11 10.72
C ASP A 58 13.83 -30.00 9.59
N LYS A 59 13.22 -31.14 9.37
CA LYS A 59 13.65 -32.16 8.44
C LYS A 59 13.34 -31.75 7.00
N LYS A 60 14.34 -31.77 6.14
CA LYS A 60 14.18 -31.47 4.71
C LYS A 60 13.49 -32.63 4.02
N GLN A 61 12.41 -32.35 3.33
CA GLN A 61 11.57 -33.37 2.69
C GLN A 61 11.26 -32.85 1.29
N THR A 62 10.77 -33.71 0.40
CA THR A 62 10.16 -33.23 -0.85
C THR A 62 8.67 -33.48 -0.86
N TRP A 63 7.94 -32.47 -0.45
CA TRP A 63 6.54 -32.63 -0.14
C TRP A 63 5.71 -32.68 -1.42
N THR A 64 4.60 -33.39 -1.33
CA THR A 64 3.61 -33.36 -2.38
C THR A 64 2.69 -32.23 -2.03
N VAL A 65 2.33 -31.46 -3.06
CA VAL A 65 1.46 -30.32 -2.92
C VAL A 65 0.42 -30.36 -4.03
N GLN A 66 -0.83 -30.02 -3.71
CA GLN A 66 -1.95 -30.13 -4.68
C GLN A 66 -2.97 -29.01 -4.59
N ASN A 67 -3.66 -28.80 -5.68
CA ASN A 67 -4.74 -27.84 -5.77
C ASN A 67 -5.98 -28.65 -5.59
N ASN A 68 -6.69 -28.42 -4.49
CA ASN A 68 -7.90 -29.21 -4.21
C ASN A 68 -9.19 -28.46 -4.55
N GLY A 69 -9.07 -27.31 -5.19
CA GLY A 69 -10.24 -26.52 -5.59
C GLY A 69 -10.61 -25.37 -4.66
N HIS A 70 -10.05 -25.34 -3.47
CA HIS A 70 -10.30 -24.24 -2.51
C HIS A 70 -9.07 -23.68 -1.81
N SER A 71 -7.93 -24.33 -2.04
CA SER A 71 -6.64 -23.97 -1.48
C SER A 71 -5.49 -24.80 -2.17
N VAL A 72 -4.26 -24.54 -1.75
CA VAL A 72 -3.15 -25.39 -2.09
C VAL A 72 -2.75 -26.11 -0.80
N MET A 73 -2.61 -27.44 -0.92
CA MET A 73 -2.41 -28.32 0.24
C MET A 73 -1.17 -29.20 0.14
N MET A 74 -0.31 -29.09 1.15
CA MET A 74 0.82 -29.95 1.34
C MET A 74 0.34 -31.17 2.12
N LEU A 75 0.77 -32.37 1.70
CA LEU A 75 0.44 -33.61 2.39
C LEU A 75 1.56 -33.90 3.36
N LEU A 76 1.25 -33.93 4.65
CA LEU A 76 2.31 -34.06 5.66
C LEU A 76 2.43 -35.51 6.15
N GLU A 77 1.32 -36.25 6.14
CA GLU A 77 1.31 -37.72 6.35
C GLU A 77 2.04 -38.21 7.61
N ASN A 78 1.72 -37.62 8.72
CA ASN A 78 2.28 -37.95 9.99
C ASN A 78 3.78 -37.77 10.08
N LYS A 79 4.42 -37.30 9.01
CA LYS A 79 5.85 -37.08 9.04
C LYS A 79 6.30 -35.96 9.97
N ALA A 80 5.37 -35.40 10.72
CA ALA A 80 5.66 -34.37 11.69
C ALA A 80 4.67 -34.31 12.88
N SER A 81 4.94 -33.82 13.95
CA SER A 81 4.06 -33.77 15.10
C SER A 81 4.42 -32.62 15.99
N ILE A 82 3.53 -32.34 16.93
CA ILE A 82 3.68 -31.26 17.88
C ILE A 82 3.22 -31.74 19.25
N SER A 83 3.77 -31.09 20.27
CA SER A 83 3.35 -31.26 21.64
C SER A 83 3.68 -29.96 22.39
N GLY A 84 3.34 -29.93 23.67
CA GLY A 84 3.47 -28.67 24.43
C GLY A 84 2.42 -27.70 23.92
N GLY A 85 2.63 -26.40 24.09
CA GLY A 85 1.65 -25.44 23.62
C GLY A 85 0.34 -25.49 24.41
N GLY A 86 0.43 -25.88 25.67
CA GLY A 86 -0.78 -26.15 26.46
C GLY A 86 -1.72 -27.22 25.90
N LEU A 87 -1.28 -28.05 24.95
CA LEU A 87 -2.12 -29.07 24.33
C LEU A 87 -2.17 -30.29 25.22
N PRO A 88 -3.31 -31.01 25.23
CA PRO A 88 -3.44 -32.13 26.15
C PRO A 88 -2.83 -33.45 25.64
N ALA A 89 -2.21 -33.46 24.47
CA ALA A 89 -1.63 -34.68 23.89
C ALA A 89 -0.72 -34.30 22.69
N PRO A 90 0.06 -35.26 22.20
CA PRO A 90 0.78 -34.96 20.97
C PRO A 90 -0.20 -35.04 19.84
N TYR A 91 0.02 -34.24 18.81
CA TYR A 91 -0.90 -34.27 17.65
C TYR A 91 -0.03 -34.59 16.47
N GLN A 92 -0.54 -35.41 15.54
CA GLN A 92 0.20 -35.70 14.29
C GLN A 92 -0.26 -34.81 13.12
N ALA A 93 0.73 -34.30 12.40
CA ALA A 93 0.52 -33.42 11.29
C ALA A 93 -0.02 -34.17 10.09
N LYS A 94 -1.11 -33.68 9.57
CA LYS A 94 -1.73 -34.25 8.38
C LYS A 94 -1.51 -33.46 7.11
N GLN A 95 -1.72 -32.14 7.21
CA GLN A 95 -1.70 -31.28 6.04
C GLN A 95 -1.51 -29.83 6.41
N LEU A 96 -0.90 -29.11 5.47
CA LEU A 96 -0.76 -27.67 5.53
C LEU A 96 -1.47 -27.01 4.35
N HIS A 97 -2.14 -25.89 4.59
CA HIS A 97 -2.74 -25.15 3.48
C HIS A 97 -2.85 -23.68 3.78
N LEU A 98 -3.42 -22.92 2.85
CA LEU A 98 -3.46 -21.47 2.99
C LEU A 98 -4.76 -20.85 2.53
N HIS A 99 -4.97 -19.64 3.01
CA HIS A 99 -6.07 -18.78 2.61
C HIS A 99 -5.41 -17.45 2.30
N TRP A 100 -5.92 -16.73 1.31
CA TRP A 100 -5.23 -15.49 0.91
C TRP A 100 -6.12 -14.56 0.07
N SER A 101 -5.72 -13.30 -0.11
CA SER A 101 -6.33 -12.40 -1.08
C SER A 101 -5.25 -11.87 -2.05
N ASP A 102 -5.48 -10.70 -2.65
CA ASP A 102 -4.42 -10.02 -3.43
C ASP A 102 -4.21 -8.55 -3.02
N LEU A 103 -4.69 -8.18 -1.83
CA LEU A 103 -4.43 -6.88 -1.23
C LEU A 103 -3.89 -7.12 0.18
N PRO A 104 -2.90 -6.34 0.62
CA PRO A 104 -2.21 -6.71 1.87
C PRO A 104 -3.09 -6.72 3.12
N TYR A 105 -4.16 -5.95 3.13
CA TYR A 105 -5.01 -5.80 4.31
C TYR A 105 -6.13 -6.84 4.38
N LYS A 106 -6.16 -7.80 3.46
CA LYS A 106 -7.09 -8.92 3.54
C LYS A 106 -6.40 -10.18 3.04
N GLY A 107 -7.00 -11.31 3.34
CA GLY A 107 -6.43 -12.62 3.02
C GLY A 107 -6.41 -13.59 4.19
N SER A 108 -6.28 -13.10 5.43
CA SER A 108 -6.36 -13.96 6.60
C SER A 108 -7.80 -14.26 7.00
N GLU A 109 -8.01 -15.41 7.63
CA GLU A 109 -9.33 -15.78 8.15
C GLU A 109 -9.57 -15.11 9.49
N HIS A 110 -8.68 -15.37 10.45
CA HIS A 110 -8.67 -14.62 11.69
C HIS A 110 -8.16 -13.18 11.49
N SER A 111 -8.62 -12.29 12.38
CA SER A 111 -8.11 -10.92 12.54
C SER A 111 -7.61 -10.73 13.99
N LEU A 112 -6.59 -9.90 14.12
CA LEU A 112 -6.04 -9.48 15.43
C LEU A 112 -6.34 -7.99 15.59
N ASP A 113 -7.15 -7.67 16.59
CA ASP A 113 -7.62 -6.30 16.85
C ASP A 113 -8.19 -5.63 15.60
N GLY A 114 -8.91 -6.42 14.83
CA GLY A 114 -9.60 -5.91 13.69
C GLY A 114 -8.77 -5.72 12.44
N GLU A 115 -7.53 -6.18 12.44
CA GLU A 115 -6.66 -6.19 11.28
C GLU A 115 -6.55 -7.59 10.70
N HIS A 116 -6.86 -7.68 9.42
CA HIS A 116 -6.56 -8.84 8.66
C HIS A 116 -5.19 -8.72 8.05
N PHE A 117 -4.58 -9.87 7.85
CA PHE A 117 -3.28 -9.98 7.21
C PHE A 117 -3.45 -10.51 5.78
N ALA A 118 -2.34 -10.60 5.06
CA ALA A 118 -2.39 -10.88 3.64
C ALA A 118 -2.65 -12.34 3.29
N MET A 119 -2.22 -13.25 4.15
CA MET A 119 -2.60 -14.65 4.08
C MET A 119 -2.72 -15.20 5.50
N GLU A 120 -3.33 -16.37 5.61
CA GLU A 120 -3.28 -17.20 6.83
C GLU A 120 -2.94 -18.61 6.41
N MET A 121 -1.93 -19.18 7.07
CA MET A 121 -1.48 -20.56 6.80
C MET A 121 -1.93 -21.43 7.95
N HIS A 122 -2.50 -22.59 7.62
CA HIS A 122 -3.03 -23.54 8.58
C HIS A 122 -2.31 -24.86 8.49
N ILE A 123 -1.78 -25.34 9.63
CA ILE A 123 -1.17 -26.67 9.72
C ILE A 123 -2.11 -27.50 10.59
N VAL A 124 -2.65 -28.58 10.00
CA VAL A 124 -3.75 -29.31 10.57
C VAL A 124 -3.16 -30.55 11.18
N HIS A 125 -3.46 -30.77 12.47
CA HIS A 125 -2.99 -31.94 13.19
C HIS A 125 -4.14 -32.68 13.83
N GLU A 126 -3.93 -33.98 14.09
CA GLU A 126 -4.90 -34.86 14.75
C GLU A 126 -4.40 -35.43 16.07
N LYS A 127 -5.29 -35.36 17.05
CA LYS A 127 -5.01 -35.77 18.41
C LYS A 127 -4.62 -37.23 18.54
N GLU A 128 -3.61 -37.49 19.35
CA GLU A 128 -3.32 -38.87 19.79
C GLU A 128 -4.15 -39.18 21.06
N LYS A 129 -5.20 -39.96 20.88
CA LYS A 129 -6.14 -40.21 21.94
C LYS A 129 -5.77 -41.41 22.79
N GLY A 130 -6.23 -41.41 24.04
CA GLY A 130 -6.21 -42.60 24.88
C GLY A 130 -7.51 -43.35 24.64
N THR A 131 -7.66 -44.53 25.25
CA THR A 131 -8.95 -45.27 25.25
C THR A 131 -10.00 -44.51 26.08
N SER A 132 -11.28 -44.81 25.86
CA SER A 132 -12.37 -44.21 26.64
C SER A 132 -12.55 -44.92 27.99
N ASP A 140 -13.60 -36.65 17.39
CA ASP A 140 -14.67 -36.87 18.38
C ASP A 140 -14.75 -35.78 19.50
N PRO A 141 -13.67 -35.59 20.29
CA PRO A 141 -13.73 -34.52 21.30
C PRO A 141 -13.64 -33.10 20.68
N GLU A 142 -13.84 -32.05 21.50
CA GLU A 142 -13.75 -30.64 21.02
C GLU A 142 -12.34 -30.24 20.55
N ASP A 143 -11.33 -31.07 20.87
CA ASP A 143 -9.91 -30.81 20.55
C ASP A 143 -9.25 -31.95 19.78
N GLU A 144 -10.05 -32.72 19.03
CA GLU A 144 -9.57 -33.77 18.10
C GLU A 144 -8.55 -33.26 17.11
N ILE A 145 -8.77 -32.04 16.64
CA ILE A 145 -7.94 -31.42 15.64
C ILE A 145 -7.34 -30.19 16.26
N ALA A 146 -6.03 -30.03 16.06
CA ALA A 146 -5.28 -28.83 16.39
C ALA A 146 -4.79 -28.17 15.12
N VAL A 147 -5.27 -26.96 14.85
CA VAL A 147 -4.78 -26.20 13.74
C VAL A 147 -3.92 -25.10 14.29
N LEU A 148 -2.69 -25.04 13.79
CA LEU A 148 -1.75 -23.92 14.00
C LEU A 148 -1.90 -22.90 12.88
N ALA A 149 -2.27 -21.67 13.23
CA ALA A 149 -2.47 -20.62 12.27
C ALA A 149 -1.36 -19.59 12.37
N PHE A 150 -0.73 -19.29 11.23
CA PHE A 150 0.27 -18.29 11.11
C PHE A 150 -0.26 -17.21 10.18
N LEU A 151 -0.22 -15.97 10.64
CA LEU A 151 -0.57 -14.82 9.80
C LEU A 151 0.62 -14.46 8.94
N VAL A 152 0.33 -14.00 7.72
CA VAL A 152 1.36 -13.62 6.75
C VAL A 152 1.24 -12.14 6.43
N GLU A 153 2.30 -11.38 6.70
CA GLU A 153 2.31 -9.93 6.45
C GLU A 153 3.04 -9.65 5.14
N ALA A 154 2.43 -8.84 4.29
CA ALA A 154 3.02 -8.48 2.98
C ALA A 154 4.18 -7.51 3.14
N GLY A 155 5.27 -7.73 2.42
CA GLY A 155 6.38 -6.75 2.45
C GLY A 155 7.33 -6.75 1.25
N THR A 156 8.56 -6.28 1.48
CA THR A 156 9.63 -6.29 0.44
C THR A 156 10.72 -7.34 0.72
N GLN A 157 10.55 -8.11 1.79
CA GLN A 157 11.54 -9.09 2.15
C GLN A 157 11.22 -10.40 1.47
N VAL A 158 12.15 -10.89 0.66
CA VAL A 158 11.96 -12.16 -0.04
C VAL A 158 12.18 -13.29 0.97
N ASN A 159 11.15 -14.11 1.19
CA ASN A 159 11.23 -15.26 2.08
C ASN A 159 11.75 -16.44 1.30
N GLU A 160 13.03 -16.75 1.45
CA GLU A 160 13.67 -17.85 0.74
C GLU A 160 13.02 -19.18 1.11
N GLY A 161 12.65 -19.34 2.37
CA GLY A 161 11.95 -20.54 2.84
C GLY A 161 10.73 -20.91 2.03
N PHE A 162 9.97 -19.90 1.59
CA PHE A 162 8.76 -20.12 0.77
C PHE A 162 8.96 -20.44 -0.70
N GLN A 163 10.14 -20.22 -1.23
CA GLN A 163 10.34 -20.36 -2.69
C GLN A 163 10.01 -21.76 -3.28
N PRO A 164 10.41 -22.87 -2.60
CA PRO A 164 9.96 -24.16 -3.11
C PRO A 164 8.44 -24.22 -3.32
N LEU A 165 7.68 -23.83 -2.30
CA LEU A 165 6.22 -23.79 -2.44
C LEU A 165 5.70 -22.89 -3.59
N VAL A 166 6.18 -21.65 -3.61
CA VAL A 166 5.74 -20.64 -4.58
C VAL A 166 6.08 -21.08 -6.02
N GLU A 167 7.27 -21.67 -6.21
CA GLU A 167 7.63 -22.23 -7.51
C GLU A 167 6.71 -23.39 -7.92
N ALA A 168 6.32 -24.22 -6.96
CA ALA A 168 5.41 -25.34 -7.27
C ALA A 168 4.04 -24.93 -7.78
N LEU A 169 3.61 -23.70 -7.46
CA LEU A 169 2.24 -23.30 -7.77
C LEU A 169 1.97 -23.31 -9.27
N SER A 170 2.98 -22.96 -10.08
CA SER A 170 2.83 -22.96 -11.54
C SER A 170 2.48 -24.33 -12.11
N ASN A 171 2.78 -25.39 -11.35
CA ASN A 171 2.51 -26.76 -11.81
C ASN A 171 1.16 -27.33 -11.42
N ILE A 172 0.42 -26.61 -10.59
CA ILE A 172 -0.88 -27.08 -10.15
C ILE A 172 -1.96 -25.99 -10.28
N PRO A 173 -2.12 -25.42 -11.47
CA PRO A 173 -3.14 -24.35 -11.61
C PRO A 173 -4.59 -24.78 -11.42
N LYS A 174 -4.90 -26.02 -11.75
CA LYS A 174 -6.29 -26.46 -11.69
C LYS A 174 -6.51 -27.41 -10.54
N PRO A 175 -7.77 -27.51 -10.08
CA PRO A 175 -8.08 -28.54 -9.12
C PRO A 175 -7.73 -29.96 -9.64
N GLU A 176 -7.35 -30.82 -8.69
CA GLU A 176 -7.03 -32.22 -8.91
C GLU A 176 -5.60 -32.45 -9.32
N MET A 177 -4.77 -31.39 -9.36
CA MET A 177 -3.40 -31.49 -9.83
C MET A 177 -2.42 -31.47 -8.66
N SER A 178 -1.40 -32.33 -8.73
CA SER A 178 -0.37 -32.50 -7.73
C SER A 178 0.98 -32.34 -8.35
N THR A 179 1.93 -31.96 -7.50
CA THR A 179 3.32 -31.83 -7.89
C THR A 179 4.19 -32.11 -6.67
N THR A 180 5.48 -32.11 -6.86
CA THR A 180 6.39 -32.41 -5.77
C THR A 180 7.24 -31.19 -5.58
N MET A 181 7.35 -30.71 -4.34
CA MET A 181 8.10 -29.50 -4.11
C MET A 181 9.56 -29.87 -4.01
N ALA A 182 10.41 -28.89 -4.32
CA ALA A 182 11.85 -28.96 -4.05
C ALA A 182 12.10 -29.09 -2.57
N GLU A 183 13.18 -29.80 -2.25
CA GLU A 183 13.58 -30.07 -0.88
C GLU A 183 13.34 -28.85 0.04
N SER A 184 12.61 -29.07 1.14
CA SER A 184 12.31 -28.00 2.12
C SER A 184 11.79 -28.58 3.42
N SER A 185 11.92 -27.82 4.50
CA SER A 185 11.39 -28.19 5.78
C SER A 185 10.18 -27.32 6.10
N LEU A 186 9.40 -27.72 7.12
CA LEU A 186 8.27 -26.91 7.62
C LEU A 186 8.77 -25.63 8.30
N LEU A 187 9.87 -25.72 9.02
CA LEU A 187 10.45 -24.54 9.66
C LEU A 187 10.86 -23.49 8.68
N ASP A 188 11.18 -23.88 7.45
CA ASP A 188 11.43 -22.94 6.36
C ASP A 188 10.28 -21.97 6.14
N LEU A 189 9.05 -22.40 6.43
CA LEU A 189 7.84 -21.62 6.13
C LEU A 189 7.36 -20.80 7.31
N LEU A 190 7.92 -21.06 8.48
CA LEU A 190 7.48 -20.41 9.70
C LEU A 190 8.44 -19.31 10.17
N PRO A 191 7.99 -18.46 11.11
CA PRO A 191 8.92 -17.56 11.77
C PRO A 191 9.92 -18.34 12.63
N LYS A 192 11.01 -17.69 13.05
CA LYS A 192 11.97 -18.28 13.96
C LYS A 192 11.26 -18.80 15.20
N GLU A 193 11.70 -19.98 15.65
CA GLU A 193 10.99 -20.73 16.67
C GLU A 193 10.84 -19.96 17.95
N GLU A 194 11.91 -19.28 18.38
CA GLU A 194 11.86 -18.43 19.57
C GLU A 194 10.79 -17.30 19.47
N LYS A 195 10.34 -16.94 18.27
CA LYS A 195 9.25 -15.97 18.18
C LYS A 195 7.85 -16.60 18.26
N LEU A 196 7.75 -17.93 18.38
CA LEU A 196 6.47 -18.61 18.47
C LEU A 196 6.03 -18.91 19.91
N ARG A 197 6.63 -18.23 20.87
CA ARG A 197 6.24 -18.35 22.28
C ARG A 197 4.90 -17.61 22.57
N HIS A 198 4.59 -16.57 21.80
CA HIS A 198 3.37 -15.79 21.95
C HIS A 198 2.34 -16.26 20.94
N TYR A 199 1.25 -16.83 21.47
CA TYR A 199 0.14 -17.27 20.65
C TYR A 199 -1.17 -17.14 21.42
N PHE A 200 -2.27 -17.15 20.66
CA PHE A 200 -3.59 -17.05 21.20
C PHE A 200 -4.20 -18.42 21.00
N ARG A 201 -5.09 -18.80 21.91
CA ARG A 201 -5.71 -20.12 21.99
C ARG A 201 -7.20 -19.99 22.26
N TYR A 202 -8.01 -20.76 21.53
CA TYR A 202 -9.46 -20.87 21.76
C TYR A 202 -9.97 -22.13 21.09
N LEU A 203 -11.22 -22.47 21.41
CA LEU A 203 -11.91 -23.62 20.84
C LEU A 203 -12.90 -23.25 19.79
N GLY A 204 -12.85 -23.94 18.66
CA GLY A 204 -13.75 -23.60 17.55
C GLY A 204 -13.98 -24.71 16.55
N SER A 205 -14.12 -24.28 15.29
CA SER A 205 -14.49 -25.15 14.19
C SER A 205 -13.47 -25.16 13.06
N LEU A 206 -13.70 -26.08 12.13
CA LEU A 206 -13.05 -26.08 10.84
C LEU A 206 -13.71 -24.91 10.06
N THR A 207 -12.94 -24.22 9.22
CA THR A 207 -13.41 -23.05 8.47
C THR A 207 -13.98 -23.34 7.08
N THR A 208 -13.87 -24.58 6.62
CA THR A 208 -14.60 -25.03 5.43
C THR A 208 -15.54 -26.18 5.80
N PRO A 209 -16.60 -26.42 4.99
CA PRO A 209 -17.56 -27.47 5.38
C PRO A 209 -16.92 -28.82 5.48
N THR A 210 -17.34 -29.67 6.42
CA THR A 210 -18.55 -29.52 7.24
C THR A 210 -18.40 -28.72 8.59
N CYS A 211 -17.34 -27.93 8.74
CA CYS A 211 -17.24 -26.95 9.85
C CYS A 211 -17.39 -27.55 11.24
N ASP A 212 -16.75 -28.68 11.44
CA ASP A 212 -17.01 -29.44 12.64
C ASP A 212 -16.40 -28.72 13.81
N GLU A 213 -17.16 -28.64 14.89
CA GLU A 213 -16.71 -27.99 16.11
C GLU A 213 -15.81 -28.91 16.94
N LYS A 214 -14.60 -29.15 16.44
CA LYS A 214 -13.68 -30.05 17.11
C LYS A 214 -12.24 -29.61 16.98
N VAL A 215 -12.05 -28.30 16.86
CA VAL A 215 -10.74 -27.75 16.67
C VAL A 215 -10.28 -26.96 17.87
N VAL A 216 -9.07 -27.23 18.29
CA VAL A 216 -8.39 -26.38 19.23
C VAL A 216 -7.44 -25.52 18.41
N TRP A 217 -7.74 -24.23 18.40
CA TRP A 217 -7.04 -23.23 17.60
C TRP A 217 -5.87 -22.60 18.33
N THR A 218 -4.81 -22.39 17.56
CA THR A 218 -3.70 -21.55 17.97
C THR A 218 -3.39 -20.51 16.87
N VAL A 219 -3.38 -19.22 17.24
CA VAL A 219 -3.00 -18.16 16.32
C VAL A 219 -1.77 -17.52 16.90
N PHE A 220 -0.66 -17.66 16.21
CA PHE A 220 0.60 -17.14 16.69
C PHE A 220 0.58 -15.66 16.44
N ARG A 221 1.13 -14.89 17.38
CA ARG A 221 1.22 -13.44 17.24
C ARG A 221 2.15 -12.97 16.10
N GLU A 222 3.24 -13.70 15.93
CA GLU A 222 4.29 -13.27 15.08
C GLU A 222 3.98 -13.67 13.64
N PRO A 223 3.86 -12.68 12.73
CA PRO A 223 3.59 -12.99 11.34
C PRO A 223 4.76 -13.58 10.56
N ILE A 224 4.45 -14.32 9.53
CA ILE A 224 5.43 -14.66 8.52
C ILE A 224 5.55 -13.43 7.64
N GLN A 225 6.77 -13.11 7.22
CA GLN A 225 7.00 -12.02 6.28
C GLN A 225 7.16 -12.64 4.92
N LEU A 226 6.37 -12.21 3.95
CA LEU A 226 6.46 -12.67 2.57
C LEU A 226 6.44 -11.46 1.70
N HIS A 227 7.19 -11.51 0.60
CA HIS A 227 7.22 -10.43 -0.35
C HIS A 227 5.85 -10.36 -1.02
N ARG A 228 5.37 -9.15 -1.24
CA ARG A 228 4.15 -8.90 -2.03
C ARG A 228 3.94 -9.82 -3.21
N GLU A 229 4.95 -9.99 -4.03
CA GLU A 229 4.85 -10.77 -5.25
C GLU A 229 4.91 -12.26 -5.03
N GLN A 230 5.52 -12.72 -3.94
CA GLN A 230 5.39 -14.12 -3.51
C GLN A 230 3.95 -14.40 -3.05
N ILE A 231 3.29 -13.43 -2.42
CA ILE A 231 1.85 -13.54 -2.12
C ILE A 231 0.95 -13.55 -3.38
N LEU A 232 1.26 -12.65 -4.31
CA LEU A 232 0.52 -12.53 -5.57
C LEU A 232 0.68 -13.76 -6.43
N ALA A 233 1.78 -14.47 -6.24
CA ALA A 233 1.98 -15.70 -6.97
C ALA A 233 0.85 -16.72 -6.77
N PHE A 234 0.22 -16.68 -5.61
CA PHE A 234 -0.89 -17.56 -5.30
C PHE A 234 -2.11 -17.28 -6.21
N SER A 235 -2.57 -16.04 -6.23
CA SER A 235 -3.68 -15.68 -7.07
C SER A 235 -3.31 -15.63 -8.55
N GLN A 236 -2.02 -15.51 -8.87
CA GLN A 236 -1.60 -15.45 -10.27
C GLN A 236 -1.52 -16.81 -10.93
N LYS A 237 -1.17 -17.82 -10.17
CA LYS A 237 -0.91 -19.17 -10.72
C LYS A 237 -1.98 -20.21 -10.46
N LEU A 238 -2.88 -19.92 -9.52
CA LEU A 238 -3.88 -20.89 -9.15
C LEU A 238 -5.29 -20.48 -9.59
N TYR A 239 -6.13 -21.48 -9.89
CA TYR A 239 -7.55 -21.29 -10.20
C TYR A 239 -8.44 -22.21 -9.36
N TYR A 240 -9.66 -21.74 -9.12
CA TYR A 240 -10.64 -22.51 -8.42
C TYR A 240 -11.16 -23.65 -9.27
N ASP A 241 -11.14 -23.50 -10.60
CA ASP A 241 -11.82 -24.40 -11.54
C ASP A 241 -10.92 -24.82 -12.72
N LYS A 242 -11.23 -25.97 -13.29
CA LYS A 242 -10.52 -26.50 -14.42
C LYS A 242 -10.58 -25.61 -15.67
N GLU A 243 -11.66 -24.86 -15.82
CA GLU A 243 -11.89 -23.88 -16.89
C GLU A 243 -11.06 -22.62 -16.70
N GLN A 244 -10.48 -22.47 -15.53
CA GLN A 244 -9.57 -21.37 -15.18
C GLN A 244 -10.21 -20.01 -15.42
N THR A 245 -11.46 -19.89 -14.99
CA THR A 245 -12.22 -18.66 -15.11
C THR A 245 -12.13 -17.78 -13.87
N VAL A 246 -11.81 -18.39 -12.72
CA VAL A 246 -11.73 -17.69 -11.45
C VAL A 246 -10.37 -17.99 -10.88
N SER A 247 -9.52 -16.98 -10.87
CA SER A 247 -8.26 -17.07 -10.16
C SER A 247 -8.53 -17.38 -8.67
N MET A 248 -7.69 -18.23 -8.05
CA MET A 248 -7.83 -18.59 -6.61
C MET A 248 -7.32 -17.49 -5.66
N LYS A 249 -8.27 -16.83 -5.02
CA LYS A 249 -8.04 -15.79 -4.03
C LYS A 249 -9.37 -15.57 -3.28
N ASP A 250 -9.32 -14.86 -2.16
CA ASP A 250 -10.47 -14.63 -1.29
C ASP A 250 -11.13 -15.97 -0.95
N ASN A 251 -10.30 -16.98 -0.72
CA ASN A 251 -10.77 -18.28 -0.23
C ASN A 251 -10.76 -18.17 1.29
N VAL A 252 -11.63 -17.30 1.79
CA VAL A 252 -11.64 -16.87 3.19
C VAL A 252 -13.05 -16.92 3.71
N ARG A 253 -13.25 -17.60 4.82
CA ARG A 253 -14.57 -17.59 5.48
C ARG A 253 -14.73 -16.33 6.24
N PRO A 254 -15.91 -15.68 6.11
CA PRO A 254 -16.13 -14.49 6.94
C PRO A 254 -16.15 -14.79 8.43
N LEU A 255 -15.96 -13.69 9.18
CA LEU A 255 -15.83 -13.74 10.62
C LEU A 255 -17.08 -14.30 11.30
N GLN A 256 -16.86 -15.11 12.33
CA GLN A 256 -17.92 -15.72 13.08
C GLN A 256 -17.98 -15.12 14.49
N GLN A 257 -19.13 -15.20 15.14
CA GLN A 257 -19.27 -14.64 16.49
C GLN A 257 -18.64 -15.53 17.54
N LEU A 258 -17.94 -14.90 18.48
CA LEU A 258 -17.33 -15.59 19.60
C LEU A 258 -18.39 -16.16 20.57
N GLY A 259 -19.50 -15.45 20.73
CA GLY A 259 -20.50 -15.88 21.67
C GLY A 259 -19.95 -15.85 23.09
N GLN A 260 -20.20 -16.90 23.86
CA GLN A 260 -19.73 -17.00 25.25
C GLN A 260 -18.38 -17.70 25.41
N ARG A 261 -17.71 -17.98 24.29
CA ARG A 261 -16.35 -18.50 24.33
C ARG A 261 -15.36 -17.49 24.85
N THR A 262 -14.33 -17.99 25.51
CA THR A 262 -13.15 -17.20 25.89
C THR A 262 -11.91 -17.57 25.06
N VAL A 263 -11.18 -16.52 24.69
CA VAL A 263 -9.88 -16.58 24.06
C VAL A 263 -8.79 -16.34 25.14
N ILE A 264 -7.77 -17.21 25.17
CA ILE A 264 -6.60 -17.08 26.08
C ILE A 264 -5.28 -16.96 25.34
N LYS A 265 -4.24 -16.49 26.01
CA LYS A 265 -2.89 -16.38 25.36
C LYS A 265 -1.76 -16.85 26.25
N SER A 266 -0.60 -17.12 25.64
CA SER A 266 0.63 -17.47 26.42
C SER A 266 1.21 -16.22 27.11
N HIS B 4 12.07 -14.64 -30.63
CA HIS B 4 13.48 -14.54 -30.13
C HIS B 4 13.74 -13.34 -29.21
N TRP B 5 13.08 -12.20 -29.43
CA TRP B 5 13.08 -11.10 -28.45
C TRP B 5 12.12 -11.33 -27.28
N CYS B 6 12.46 -10.81 -26.12
CA CYS B 6 11.61 -10.93 -24.95
C CYS B 6 11.79 -9.76 -24.01
N TYR B 7 10.96 -9.75 -22.98
CA TYR B 7 11.16 -8.88 -21.84
C TYR B 7 12.07 -9.57 -20.82
N GLU B 8 12.73 -8.77 -20.01
CA GLU B 8 13.62 -9.28 -19.00
C GLU B 8 12.98 -10.41 -18.12
N VAL B 9 11.77 -10.18 -17.65
CA VAL B 9 11.06 -11.14 -16.84
C VAL B 9 10.95 -12.51 -17.52
N GLN B 10 10.82 -12.55 -18.84
CA GLN B 10 10.72 -13.84 -19.52
C GLN B 10 12.01 -14.65 -19.48
N ALA B 11 13.13 -13.97 -19.71
CA ALA B 11 14.47 -14.56 -19.57
C ALA B 11 14.70 -15.13 -18.20
N GLU B 12 14.29 -14.37 -17.19
CA GLU B 12 14.44 -14.78 -15.80
C GLU B 12 13.55 -15.93 -15.42
N SER B 13 12.36 -15.99 -16.01
CA SER B 13 11.35 -16.95 -15.62
C SER B 13 11.47 -18.23 -16.41
N SER B 14 12.45 -18.37 -17.29
CA SER B 14 12.50 -19.52 -18.17
C SER B 14 13.92 -19.84 -18.62
N ASN B 15 14.12 -21.04 -19.17
CA ASN B 15 15.38 -21.44 -19.83
C ASN B 15 15.31 -21.35 -21.34
N TYR B 16 14.10 -21.20 -21.89
CA TYR B 16 13.99 -20.86 -23.30
C TYR B 16 14.82 -19.58 -23.48
N PRO B 17 15.88 -19.65 -24.32
CA PRO B 17 16.77 -18.50 -24.42
C PRO B 17 16.09 -17.42 -25.25
N CYS B 18 16.23 -16.14 -24.84
CA CYS B 18 15.62 -15.03 -25.57
C CYS B 18 16.41 -13.74 -25.49
N LEU B 19 16.17 -12.81 -26.42
CA LEU B 19 16.91 -11.54 -26.48
C LEU B 19 16.24 -10.52 -25.58
N VAL B 20 16.90 -10.18 -24.50
CA VAL B 20 16.33 -9.23 -23.55
C VAL B 20 16.45 -7.77 -24.02
N PRO B 21 15.62 -6.87 -23.45
CA PRO B 21 15.47 -5.52 -24.00
C PRO B 21 16.73 -4.77 -24.26
N VAL B 22 17.70 -4.82 -23.34
CA VAL B 22 18.97 -4.10 -23.52
C VAL B 22 19.82 -4.66 -24.67
N LYS B 23 19.50 -5.88 -25.15
CA LYS B 23 20.17 -6.49 -26.29
C LYS B 23 19.40 -6.48 -27.61
N TRP B 24 18.21 -5.90 -27.66
CA TRP B 24 17.45 -5.81 -28.88
C TRP B 24 18.34 -5.04 -29.86
N GLY B 25 18.42 -5.51 -31.10
CA GLY B 25 19.21 -4.91 -32.13
C GLY B 25 18.39 -4.20 -33.16
N GLY B 26 18.92 -4.04 -34.35
CA GLY B 26 18.23 -3.37 -35.42
C GLY B 26 17.91 -1.90 -35.17
N ASN B 27 16.79 -1.42 -35.46
CA ASN B 27 16.43 -0.03 -35.22
C ASN B 27 16.36 0.32 -33.73
N CYS B 28 16.29 -0.71 -32.84
CA CYS B 28 16.33 -0.55 -31.40
C CYS B 28 17.64 0.07 -30.92
N GLN B 29 18.70 -0.03 -31.73
CA GLN B 29 19.97 0.63 -31.48
C GLN B 29 20.04 2.11 -31.86
N LYS B 30 19.02 2.66 -32.49
CA LYS B 30 19.06 4.05 -32.92
C LYS B 30 18.80 4.97 -31.75
N ASP B 31 18.76 6.26 -31.98
CA ASP B 31 18.76 7.19 -30.85
C ASP B 31 17.60 8.19 -30.79
N ARG B 32 16.48 7.79 -31.38
CA ARG B 32 15.21 8.46 -31.14
C ARG B 32 14.18 7.42 -30.71
N GLN B 33 14.53 6.65 -29.67
CA GLN B 33 13.65 5.59 -29.16
C GLN B 33 12.71 6.03 -28.02
N SER B 34 11.75 5.16 -27.75
CA SER B 34 10.75 5.33 -26.71
C SER B 34 10.69 4.04 -25.91
N PRO B 35 10.20 4.05 -24.67
CA PRO B 35 9.69 5.23 -23.96
C PRO B 35 10.80 6.07 -23.33
N ILE B 36 10.36 7.23 -22.81
CA ILE B 36 11.19 8.19 -22.16
C ILE B 36 10.58 8.62 -20.84
N ASN B 37 11.42 9.24 -20.04
CA ASN B 37 10.99 9.98 -18.89
C ASN B 37 10.74 11.42 -19.31
N ILE B 38 9.58 11.95 -18.96
CA ILE B 38 9.20 13.35 -19.27
C ILE B 38 9.39 14.24 -18.05
N VAL B 39 10.36 15.15 -18.10
CA VAL B 39 10.54 16.14 -17.05
C VAL B 39 9.52 17.19 -17.45
N THR B 40 8.41 17.21 -16.72
CA THR B 40 7.22 17.94 -17.15
C THR B 40 7.46 19.46 -17.22
N THR B 41 8.25 19.97 -16.28
CA THR B 41 8.59 21.37 -16.28
C THR B 41 9.55 21.75 -17.41
N LYS B 42 10.26 20.81 -17.99
CA LYS B 42 11.10 21.18 -19.14
C LYS B 42 10.39 21.06 -20.48
N ALA B 43 9.17 20.57 -20.52
CA ALA B 43 8.42 20.45 -21.75
C ALA B 43 7.76 21.78 -22.05
N LYS B 44 8.15 22.38 -23.18
CA LYS B 44 7.61 23.67 -23.58
C LYS B 44 6.21 23.56 -24.21
N VAL B 45 5.37 24.52 -23.89
CA VAL B 45 4.06 24.64 -24.48
C VAL B 45 4.14 25.10 -25.94
N ASP B 46 3.37 24.43 -26.80
CA ASP B 46 3.18 24.82 -28.20
C ASP B 46 1.70 25.11 -28.39
N LYS B 47 1.38 26.32 -28.85
CA LYS B 47 -0.01 26.68 -29.09
C LYS B 47 -0.59 25.94 -30.28
N LYS B 48 0.26 25.47 -31.20
CA LYS B 48 -0.20 24.59 -32.28
C LYS B 48 -0.91 23.31 -31.82
N LEU B 49 -0.61 22.82 -30.62
CA LEU B 49 -1.23 21.59 -30.07
C LEU B 49 -2.67 21.81 -29.55
N GLY B 50 -3.62 21.63 -30.45
CA GLY B 50 -5.03 21.82 -30.16
C GLY B 50 -5.71 20.52 -29.78
N ARG B 51 -7.01 20.59 -29.55
CA ARG B 51 -7.77 19.42 -29.12
C ARG B 51 -7.75 18.26 -30.15
N PHE B 52 -7.83 17.05 -29.64
CA PHE B 52 -8.11 15.91 -30.47
C PHE B 52 -9.56 15.90 -30.90
N PHE B 53 -9.81 15.38 -32.11
CA PHE B 53 -11.15 15.04 -32.56
C PHE B 53 -11.18 13.55 -32.75
N PHE B 54 -12.06 12.90 -32.01
CA PHE B 54 -12.15 11.46 -31.96
C PHE B 54 -13.34 11.04 -32.80
N SER B 55 -13.18 9.99 -33.58
CA SER B 55 -14.30 9.44 -34.33
C SER B 55 -14.39 7.93 -34.18
N GLY B 56 -15.59 7.46 -33.92
CA GLY B 56 -15.81 6.05 -33.63
C GLY B 56 -15.42 5.64 -32.22
N TYR B 57 -15.06 6.61 -31.38
CA TYR B 57 -14.62 6.31 -30.04
C TYR B 57 -15.81 6.13 -29.12
N ASP B 58 -16.93 6.77 -29.44
CA ASP B 58 -18.13 6.71 -28.63
C ASP B 58 -19.00 5.48 -28.90
N LYS B 59 -18.85 4.88 -30.07
CA LYS B 59 -19.71 3.77 -30.51
C LYS B 59 -19.51 2.46 -29.77
N LYS B 60 -20.60 1.91 -29.24
CA LYS B 60 -20.60 0.56 -28.68
C LYS B 60 -20.36 -0.44 -29.78
N GLN B 61 -19.62 -1.47 -29.45
CA GLN B 61 -19.05 -2.39 -30.41
C GLN B 61 -18.73 -3.59 -29.57
N THR B 62 -18.74 -4.78 -30.16
CA THR B 62 -18.11 -5.93 -29.56
C THR B 62 -16.80 -6.05 -30.28
N TRP B 63 -15.72 -5.90 -29.55
CA TRP B 63 -14.41 -5.92 -30.16
C TRP B 63 -13.85 -7.32 -30.02
N THR B 64 -13.04 -7.68 -31.00
CA THR B 64 -12.14 -8.82 -30.87
C THR B 64 -10.91 -8.40 -30.02
N VAL B 65 -10.46 -9.32 -29.15
CA VAL B 65 -9.31 -9.08 -28.29
C VAL B 65 -8.52 -10.38 -28.17
N GLN B 66 -7.18 -10.28 -28.23
CA GLN B 66 -6.26 -11.43 -28.37
C GLN B 66 -5.09 -11.31 -27.45
N ASN B 67 -4.51 -12.45 -27.10
CA ASN B 67 -3.24 -12.53 -26.42
C ASN B 67 -2.22 -12.73 -27.51
N ASN B 68 -1.29 -11.78 -27.71
CA ASN B 68 -0.21 -12.00 -28.72
C ASN B 68 1.16 -12.47 -28.17
N GLY B 69 1.17 -12.97 -26.95
CA GLY B 69 2.42 -13.30 -26.30
C GLY B 69 3.22 -12.14 -25.74
N HIS B 70 2.78 -10.88 -25.95
CA HIS B 70 3.50 -9.69 -25.41
C HIS B 70 2.61 -8.74 -24.64
N SER B 71 1.32 -8.80 -24.94
CA SER B 71 0.31 -7.93 -24.39
C SER B 71 -1.04 -8.56 -24.68
N VAL B 72 -2.09 -7.85 -24.29
CA VAL B 72 -3.44 -8.21 -24.66
C VAL B 72 -3.80 -7.08 -25.61
N MET B 73 -4.42 -7.43 -26.74
CA MET B 73 -4.63 -6.50 -27.88
C MET B 73 -6.09 -6.53 -28.41
N MET B 74 -6.75 -5.39 -28.34
CA MET B 74 -8.04 -5.17 -29.03
C MET B 74 -7.84 -4.78 -30.51
N LEU B 75 -8.49 -5.53 -31.42
CA LEU B 75 -8.38 -5.23 -32.85
C LEU B 75 -9.34 -4.14 -33.15
N LEU B 76 -8.81 -3.00 -33.59
CA LEU B 76 -9.64 -1.82 -33.85
C LEU B 76 -10.09 -1.67 -35.32
N GLU B 77 -9.38 -2.29 -36.27
CA GLU B 77 -9.90 -2.45 -37.65
C GLU B 77 -10.51 -1.21 -38.30
N ASN B 78 -9.85 -0.11 -38.21
CA ASN B 78 -10.36 1.10 -38.79
C ASN B 78 -11.78 1.48 -38.36
N LYS B 79 -12.29 0.88 -37.27
CA LYS B 79 -13.57 1.22 -36.72
C LYS B 79 -13.54 2.57 -36.02
N ALA B 80 -12.36 3.17 -35.89
CA ALA B 80 -12.18 4.44 -35.24
C ALA B 80 -10.96 5.24 -35.70
N SER B 81 -10.91 6.47 -35.44
CA SER B 81 -9.88 7.35 -35.95
C SER B 81 -9.78 8.65 -35.15
N ILE B 82 -8.73 9.40 -35.47
CA ILE B 82 -8.46 10.65 -34.79
C ILE B 82 -7.93 11.71 -35.75
N SER B 83 -8.20 12.96 -35.41
CA SER B 83 -7.54 14.09 -36.10
C SER B 83 -7.33 15.12 -35.05
N GLY B 84 -6.78 16.27 -35.45
CA GLY B 84 -6.42 17.31 -34.52
C GLY B 84 -5.20 16.92 -33.69
N GLY B 85 -5.14 17.41 -32.45
CA GLY B 85 -4.04 17.04 -31.55
C GLY B 85 -2.67 17.45 -32.09
N GLY B 86 -2.63 18.54 -32.83
CA GLY B 86 -1.42 18.93 -33.54
C GLY B 86 -0.95 17.96 -34.59
N LEU B 87 -1.78 17.00 -35.00
CA LEU B 87 -1.37 15.95 -35.96
C LEU B 87 -1.50 16.49 -37.37
N PRO B 88 -0.59 16.08 -38.27
CA PRO B 88 -0.63 16.68 -39.58
C PRO B 88 -1.63 15.99 -40.52
N ALA B 89 -2.24 14.87 -40.13
CA ALA B 89 -3.27 14.19 -40.93
C ALA B 89 -4.25 13.43 -40.04
N PRO B 90 -5.32 12.85 -40.61
CA PRO B 90 -6.10 11.89 -39.84
C PRO B 90 -5.36 10.56 -39.69
N TYR B 91 -5.64 9.83 -38.61
CA TYR B 91 -5.01 8.52 -38.39
C TYR B 91 -6.10 7.50 -38.10
N GLN B 92 -6.00 6.32 -38.68
CA GLN B 92 -6.92 5.24 -38.38
C GLN B 92 -6.43 4.41 -37.17
N ALA B 93 -7.34 4.13 -36.25
CA ALA B 93 -7.15 3.16 -35.17
C ALA B 93 -6.91 1.76 -35.73
N LYS B 94 -5.80 1.15 -35.34
CA LYS B 94 -5.48 -0.25 -35.67
C LYS B 94 -5.70 -1.20 -34.50
N GLN B 95 -5.14 -0.86 -33.35
CA GLN B 95 -5.23 -1.67 -32.16
C GLN B 95 -4.99 -0.91 -30.85
N LEU B 96 -5.46 -1.52 -29.78
CA LEU B 96 -5.25 -1.02 -28.44
C LEU B 96 -4.68 -2.14 -27.58
N HIS B 97 -3.56 -1.88 -26.91
CA HIS B 97 -2.95 -2.86 -26.01
C HIS B 97 -2.42 -2.18 -24.73
N LEU B 98 -1.88 -2.99 -23.82
CA LEU B 98 -1.36 -2.46 -22.59
C LEU B 98 -0.03 -3.04 -22.16
N HIS B 99 0.57 -2.31 -21.23
CA HIS B 99 1.79 -2.67 -20.54
C HIS B 99 1.50 -2.51 -19.06
N TRP B 100 2.03 -3.38 -18.23
CA TRP B 100 1.68 -3.28 -16.81
C TRP B 100 2.62 -4.08 -15.90
N SER B 101 2.43 -3.95 -14.61
CA SER B 101 3.10 -4.80 -13.64
C SER B 101 2.03 -5.25 -12.63
N ASP B 102 2.49 -5.69 -11.45
CA ASP B 102 1.61 -6.07 -10.37
C ASP B 102 1.87 -5.31 -9.07
N LEU B 103 2.72 -4.29 -9.13
CA LEU B 103 2.90 -3.32 -8.05
C LEU B 103 2.55 -1.91 -8.58
N PRO B 104 1.96 -1.03 -7.74
CA PRO B 104 1.41 0.27 -8.15
C PRO B 104 2.38 1.34 -8.63
N TYR B 105 3.65 1.17 -8.29
CA TYR B 105 4.65 2.19 -8.58
C TYR B 105 5.39 1.82 -9.84
N LYS B 106 4.88 0.84 -10.58
CA LYS B 106 5.45 0.47 -11.86
C LYS B 106 4.44 -0.28 -12.72
N GLY B 107 4.78 -0.40 -14.00
CA GLY B 107 3.88 -0.96 -15.01
C GLY B 107 3.80 -0.11 -16.25
N SER B 108 4.06 1.19 -16.11
CA SER B 108 3.91 2.06 -17.26
C SER B 108 5.23 2.06 -17.98
N GLU B 109 5.23 2.44 -19.25
CA GLU B 109 6.48 2.54 -20.02
C GLU B 109 7.12 3.94 -19.88
N HIS B 110 6.33 4.97 -20.08
CA HIS B 110 6.78 6.35 -19.84
C HIS B 110 6.67 6.65 -18.36
N SER B 111 7.44 7.66 -17.91
CA SER B 111 7.29 8.15 -16.58
C SER B 111 7.21 9.68 -16.63
N LEU B 112 6.53 10.27 -15.67
CA LEU B 112 6.43 11.74 -15.56
C LEU B 112 7.22 12.20 -14.34
N ASP B 113 8.26 13.00 -14.54
CA ASP B 113 9.13 13.44 -13.43
C ASP B 113 9.62 12.28 -12.59
N GLY B 114 9.93 11.18 -13.27
CA GLY B 114 10.36 9.96 -12.61
C GLY B 114 9.29 9.05 -12.02
N GLU B 115 8.02 9.45 -12.03
CA GLU B 115 6.95 8.58 -11.51
C GLU B 115 6.42 7.63 -12.58
N HIS B 116 6.41 6.36 -12.24
CA HIS B 116 5.83 5.32 -13.08
C HIS B 116 4.43 5.01 -12.55
N PHE B 117 3.55 4.69 -13.48
CA PHE B 117 2.17 4.36 -13.15
C PHE B 117 1.97 2.84 -13.18
N ALA B 118 0.78 2.37 -12.80
CA ALA B 118 0.52 0.93 -12.61
C ALA B 118 0.35 0.20 -13.93
N MET B 119 -0.09 0.91 -14.96
CA MET B 119 -0.15 0.41 -16.35
C MET B 119 -0.06 1.61 -17.31
N GLU B 120 0.09 1.29 -18.59
CA GLU B 120 0.06 2.24 -19.66
C GLU B 120 -0.72 1.61 -20.81
N MET B 121 -1.70 2.34 -21.32
CA MET B 121 -2.50 1.93 -22.47
C MET B 121 -2.06 2.68 -23.73
N HIS B 122 -1.91 1.94 -24.82
CA HIS B 122 -1.46 2.48 -26.11
C HIS B 122 -2.48 2.23 -27.22
N ILE B 123 -3.06 3.29 -27.76
CA ILE B 123 -3.96 3.15 -28.91
C ILE B 123 -3.14 3.51 -30.12
N VAL B 124 -2.89 2.50 -30.94
CA VAL B 124 -2.00 2.60 -32.05
C VAL B 124 -2.78 2.88 -33.34
N HIS B 125 -2.42 4.00 -33.99
CA HIS B 125 -3.05 4.47 -35.22
C HIS B 125 -2.04 4.67 -36.35
N GLU B 126 -2.55 4.62 -37.57
CA GLU B 126 -1.78 4.78 -38.78
C GLU B 126 -2.26 5.93 -39.65
N LYS B 127 -1.28 6.63 -40.20
CA LYS B 127 -1.48 7.90 -40.88
C LYS B 127 -2.19 7.66 -42.19
N GLU B 128 -3.15 8.53 -42.53
CA GLU B 128 -3.77 8.47 -43.83
C GLU B 128 -2.88 9.31 -44.75
N LYS B 129 -2.11 8.66 -45.59
CA LYS B 129 -1.13 9.36 -46.46
C LYS B 129 -1.74 9.54 -47.83
N GLY B 130 -1.12 10.41 -48.61
CA GLY B 130 -1.51 10.64 -50.01
C GLY B 130 -0.47 9.97 -50.90
N THR B 131 -0.80 9.81 -52.18
CA THR B 131 0.03 9.01 -53.12
C THR B 131 1.56 9.29 -53.10
N ASP B 140 8.17 5.49 -45.48
CA ASP B 140 7.34 5.88 -44.33
C ASP B 140 7.97 7.06 -43.60
N PRO B 141 7.14 8.03 -43.20
CA PRO B 141 7.67 9.17 -42.49
C PRO B 141 7.86 8.89 -41.01
N GLU B 142 8.38 9.90 -40.31
CA GLU B 142 8.68 9.86 -38.90
C GLU B 142 7.40 9.90 -38.06
N ASP B 143 6.26 10.17 -38.68
CA ASP B 143 4.97 10.20 -38.00
C ASP B 143 3.96 9.25 -38.63
N GLU B 144 4.44 8.19 -39.30
CA GLU B 144 3.58 7.15 -39.88
C GLU B 144 2.59 6.60 -38.85
N ILE B 145 3.07 6.38 -37.64
CA ILE B 145 2.23 5.85 -36.54
C ILE B 145 1.99 6.92 -35.49
N ALA B 146 0.75 7.03 -35.01
CA ALA B 146 0.47 7.87 -33.88
C ALA B 146 -0.06 6.99 -32.76
N VAL B 147 0.65 6.96 -31.61
CA VAL B 147 0.20 6.19 -30.45
C VAL B 147 -0.33 7.16 -29.41
N LEU B 148 -1.56 6.90 -28.96
CA LEU B 148 -2.12 7.66 -27.84
C LEU B 148 -1.79 6.83 -26.63
N ALA B 149 -1.07 7.42 -25.70
CA ALA B 149 -0.71 6.73 -24.44
C ALA B 149 -1.47 7.32 -23.25
N PHE B 150 -2.03 6.42 -22.45
CA PHE B 150 -2.74 6.79 -21.25
C PHE B 150 -2.12 6.05 -20.06
N LEU B 151 -1.88 6.77 -18.98
CA LEU B 151 -1.34 6.22 -17.79
C LEU B 151 -2.53 5.75 -16.91
N VAL B 152 -2.33 4.64 -16.20
CA VAL B 152 -3.34 4.08 -15.32
C VAL B 152 -2.77 4.04 -13.90
N GLU B 153 -3.52 4.63 -12.98
CA GLU B 153 -3.21 4.50 -11.55
C GLU B 153 -4.34 3.76 -10.86
N ALA B 154 -4.00 3.23 -9.70
CA ALA B 154 -4.96 2.61 -8.82
C ALA B 154 -5.99 3.62 -8.34
N GLY B 155 -7.25 3.21 -8.43
CA GLY B 155 -8.40 3.84 -7.77
C GLY B 155 -8.97 2.93 -6.68
N THR B 156 -9.81 3.51 -5.86
CA THR B 156 -10.57 2.79 -4.84
C THR B 156 -11.93 2.37 -5.38
N GLN B 157 -12.31 2.88 -6.55
CA GLN B 157 -13.56 2.57 -7.23
C GLN B 157 -13.36 1.65 -8.44
N VAL B 158 -14.28 0.73 -8.64
CA VAL B 158 -14.28 -0.10 -9.87
C VAL B 158 -14.62 0.76 -11.08
N ASN B 159 -13.73 0.77 -12.07
CA ASN B 159 -14.01 1.40 -13.36
C ASN B 159 -14.90 0.49 -14.23
N GLU B 160 -16.16 0.85 -14.33
CA GLU B 160 -17.13 -0.01 -15.01
C GLU B 160 -16.86 -0.13 -16.50
N GLY B 161 -16.34 0.93 -17.14
CA GLY B 161 -15.94 0.87 -18.56
C GLY B 161 -14.92 -0.17 -18.94
N PHE B 162 -14.02 -0.48 -18.03
CA PHE B 162 -13.04 -1.55 -18.23
C PHE B 162 -13.57 -2.95 -18.04
N GLN B 163 -14.76 -3.10 -17.47
CA GLN B 163 -15.19 -4.44 -17.09
C GLN B 163 -15.37 -5.47 -18.21
N PRO B 164 -15.88 -5.06 -19.39
CA PRO B 164 -15.91 -6.00 -20.49
C PRO B 164 -14.53 -6.55 -20.89
N LEU B 165 -13.52 -5.68 -20.95
CA LEU B 165 -12.16 -6.09 -21.30
C LEU B 165 -11.57 -7.03 -20.26
N VAL B 166 -11.65 -6.65 -18.98
CA VAL B 166 -11.19 -7.47 -17.84
C VAL B 166 -11.86 -8.86 -17.82
N GLU B 167 -13.16 -8.86 -18.11
CA GLU B 167 -13.92 -10.13 -18.16
C GLU B 167 -13.51 -11.01 -19.33
N ALA B 168 -13.05 -10.41 -20.42
CA ALA B 168 -12.67 -11.18 -21.61
C ALA B 168 -11.37 -11.91 -21.44
N LEU B 169 -10.53 -11.44 -20.51
CA LEU B 169 -9.18 -11.95 -20.33
C LEU B 169 -9.12 -13.44 -20.00
N SER B 170 -10.16 -13.96 -19.35
CA SER B 170 -10.28 -15.41 -19.02
C SER B 170 -10.31 -16.31 -20.20
N ASN B 171 -10.84 -15.79 -21.29
CA ASN B 171 -10.90 -16.51 -22.52
C ASN B 171 -9.63 -16.43 -23.33
N ILE B 172 -8.64 -15.61 -22.96
CA ILE B 172 -7.36 -15.56 -23.71
C ILE B 172 -6.09 -15.72 -22.84
N PRO B 173 -6.07 -16.72 -21.93
CA PRO B 173 -4.92 -16.88 -21.05
C PRO B 173 -3.59 -17.08 -21.75
N LYS B 174 -3.60 -17.71 -22.93
CA LYS B 174 -2.34 -18.08 -23.59
C LYS B 174 -2.19 -17.36 -24.91
N PRO B 175 -0.95 -17.30 -25.41
CA PRO B 175 -0.78 -16.63 -26.69
C PRO B 175 -1.47 -17.35 -27.82
N GLU B 176 -1.88 -16.56 -28.81
CA GLU B 176 -2.62 -17.01 -29.97
C GLU B 176 -4.05 -17.40 -29.68
N MET B 177 -4.59 -17.05 -28.54
CA MET B 177 -6.01 -17.18 -28.30
C MET B 177 -6.64 -15.83 -28.57
N SER B 178 -7.92 -15.88 -28.89
CA SER B 178 -8.66 -14.70 -29.33
C SER B 178 -10.07 -14.85 -28.87
N THR B 179 -10.77 -13.73 -28.67
CA THR B 179 -12.14 -13.77 -28.17
C THR B 179 -12.88 -12.48 -28.48
N THR B 180 -14.14 -12.42 -28.04
CA THR B 180 -14.98 -11.25 -28.30
C THR B 180 -15.39 -10.64 -27.00
N MET B 181 -15.24 -9.34 -26.85
CA MET B 181 -15.60 -8.72 -25.58
C MET B 181 -17.04 -8.25 -25.67
N ALA B 182 -17.70 -8.14 -24.53
CA ALA B 182 -19.07 -7.61 -24.48
C ALA B 182 -19.11 -6.19 -25.03
N GLU B 183 -20.29 -5.75 -25.47
CA GLU B 183 -20.45 -4.40 -26.04
C GLU B 183 -19.77 -3.34 -25.20
N SER B 184 -19.00 -2.46 -25.87
CA SER B 184 -18.25 -1.40 -25.20
C SER B 184 -17.68 -0.43 -26.21
N SER B 185 -17.45 0.80 -25.79
CA SER B 185 -16.84 1.84 -26.61
C SER B 185 -15.39 2.07 -26.14
N LEU B 186 -14.65 2.87 -26.91
CA LEU B 186 -13.27 3.19 -26.56
C LEU B 186 -13.27 4.23 -25.49
N LEU B 187 -14.15 5.21 -25.64
CA LEU B 187 -14.42 6.19 -24.58
C LEU B 187 -14.73 5.59 -23.18
N ASP B 188 -15.37 4.40 -23.11
CA ASP B 188 -15.54 3.67 -21.84
C ASP B 188 -14.24 3.43 -21.09
N LEU B 189 -13.14 3.26 -21.84
CA LEU B 189 -11.82 2.95 -21.26
C LEU B 189 -11.00 4.18 -20.89
N LEU B 190 -11.40 5.35 -21.36
CA LEU B 190 -10.56 6.53 -21.29
C LEU B 190 -11.07 7.47 -20.19
N PRO B 191 -10.22 8.45 -19.79
CA PRO B 191 -10.73 9.58 -19.03
C PRO B 191 -11.73 10.38 -19.82
N LYS B 192 -12.39 11.32 -19.15
CA LYS B 192 -13.40 12.14 -19.81
C LYS B 192 -12.74 12.97 -20.89
N GLU B 193 -13.40 13.12 -22.05
CA GLU B 193 -12.84 13.89 -23.17
C GLU B 193 -12.37 15.30 -22.80
N GLU B 194 -13.15 15.99 -21.96
CA GLU B 194 -12.75 17.30 -21.37
C GLU B 194 -11.36 17.25 -20.73
N LYS B 195 -11.05 16.14 -20.07
CA LYS B 195 -9.75 16.00 -19.42
C LYS B 195 -8.58 15.61 -20.35
N LEU B 196 -8.80 15.62 -21.66
CA LEU B 196 -7.76 15.22 -22.61
C LEU B 196 -7.19 16.38 -23.39
N ARG B 197 -7.32 17.58 -22.86
CA ARG B 197 -6.79 18.78 -23.51
C ARG B 197 -5.30 18.91 -23.20
N HIS B 198 -4.87 18.44 -22.01
CA HIS B 198 -3.46 18.42 -21.61
C HIS B 198 -2.80 17.12 -22.01
N TYR B 199 -1.78 17.26 -22.84
CA TYR B 199 -0.98 16.15 -23.23
C TYR B 199 0.44 16.59 -23.57
N PHE B 200 1.37 15.64 -23.42
CA PHE B 200 2.75 15.77 -23.86
C PHE B 200 2.83 15.15 -25.25
N ARG B 201 3.82 15.58 -26.00
CA ARG B 201 4.02 15.20 -27.37
C ARG B 201 5.52 15.16 -27.64
N TYR B 202 5.98 14.08 -28.27
CA TYR B 202 7.33 14.02 -28.82
C TYR B 202 7.39 13.01 -29.94
N LEU B 203 8.52 13.02 -30.64
CA LEU B 203 8.77 12.05 -31.70
C LEU B 203 9.65 10.90 -31.25
N GLY B 204 9.24 9.68 -31.61
CA GLY B 204 10.00 8.52 -31.22
C GLY B 204 9.72 7.24 -31.95
N SER B 205 9.63 6.14 -31.19
CA SER B 205 9.69 4.79 -31.73
C SER B 205 8.64 3.87 -31.15
N LEU B 206 8.52 2.72 -31.78
CA LEU B 206 7.77 1.63 -31.26
C LEU B 206 8.58 1.09 -30.08
N THR B 207 7.88 0.63 -29.05
CA THR B 207 8.55 0.17 -27.84
C THR B 207 8.78 -1.33 -27.80
N THR B 208 8.48 -2.05 -28.87
CA THR B 208 8.99 -3.41 -29.02
C THR B 208 9.63 -3.53 -30.38
N PRO B 209 10.42 -4.59 -30.59
CA PRO B 209 11.03 -4.65 -31.92
C PRO B 209 9.94 -4.70 -32.97
N THR B 210 10.15 -4.13 -34.16
CA THR B 210 11.44 -3.69 -34.66
C THR B 210 11.86 -2.24 -34.32
N CYS B 211 11.13 -1.61 -33.42
CA CYS B 211 11.54 -0.35 -32.75
C CYS B 211 11.63 0.83 -33.74
N ASP B 212 10.74 0.84 -34.72
CA ASP B 212 10.88 1.74 -35.87
C ASP B 212 10.64 3.18 -35.41
N GLU B 213 11.54 4.09 -35.82
CA GLU B 213 11.42 5.50 -35.48
C GLU B 213 10.45 6.25 -36.40
N LYS B 214 9.19 5.91 -36.26
CA LYS B 214 8.15 6.48 -37.07
C LYS B 214 6.88 6.75 -36.25
N VAL B 215 7.04 6.91 -34.94
CA VAL B 215 5.92 7.14 -34.03
C VAL B 215 5.95 8.61 -33.58
N VAL B 216 4.80 9.26 -33.76
CA VAL B 216 4.50 10.47 -33.04
C VAL B 216 3.72 10.11 -31.77
N TRP B 217 4.33 10.45 -30.62
CA TRP B 217 3.78 10.07 -29.32
C TRP B 217 2.90 11.15 -28.74
N THR B 218 1.84 10.72 -28.09
CA THR B 218 1.05 11.57 -27.24
C THR B 218 0.87 10.90 -25.89
N VAL B 219 1.34 11.56 -24.83
CA VAL B 219 1.10 11.07 -23.49
C VAL B 219 0.19 12.02 -22.75
N PHE B 220 -1.02 11.57 -22.48
CA PHE B 220 -2.02 12.41 -21.79
C PHE B 220 -1.69 12.57 -20.31
N ARG B 221 -1.89 13.78 -19.78
CA ARG B 221 -1.57 14.08 -18.42
C ARG B 221 -2.56 13.39 -17.45
N GLU B 222 -3.82 13.30 -17.86
CA GLU B 222 -4.85 12.79 -16.98
C GLU B 222 -4.82 11.27 -16.94
N PRO B 223 -4.69 10.71 -15.75
CA PRO B 223 -4.64 9.27 -15.67
C PRO B 223 -5.99 8.59 -15.69
N ILE B 224 -6.01 7.35 -16.19
CA ILE B 224 -7.13 6.44 -15.99
C ILE B 224 -7.01 5.89 -14.58
N GLN B 225 -8.16 5.77 -13.91
CA GLN B 225 -8.21 5.08 -12.64
C GLN B 225 -8.92 3.77 -12.76
N LEU B 226 -8.30 2.74 -12.19
CA LEU B 226 -8.85 1.40 -12.10
C LEU B 226 -8.73 0.98 -10.69
N HIS B 227 -9.61 0.09 -10.26
CA HIS B 227 -9.44 -0.56 -8.99
C HIS B 227 -8.19 -1.44 -9.08
N ARG B 228 -7.36 -1.41 -8.04
CA ARG B 228 -6.18 -2.30 -7.92
C ARG B 228 -6.40 -3.73 -8.44
N GLU B 229 -7.55 -4.31 -8.11
CA GLU B 229 -7.90 -5.67 -8.52
C GLU B 229 -8.21 -5.82 -10.00
N GLN B 230 -8.69 -4.73 -10.60
CA GLN B 230 -8.77 -4.63 -12.04
C GLN B 230 -7.36 -4.65 -12.72
N ILE B 231 -6.40 -4.00 -12.10
CA ILE B 231 -5.04 -4.03 -12.60
C ILE B 231 -4.40 -5.43 -12.43
N LEU B 232 -4.60 -6.02 -11.25
CA LEU B 232 -4.15 -7.34 -10.96
C LEU B 232 -4.76 -8.44 -11.81
N ALA B 233 -5.97 -8.22 -12.37
CA ALA B 233 -6.59 -9.19 -13.29
C ALA B 233 -5.71 -9.46 -14.50
N PHE B 234 -4.94 -8.46 -14.95
CA PHE B 234 -4.09 -8.64 -16.13
C PHE B 234 -3.00 -9.70 -15.88
N SER B 235 -2.25 -9.56 -14.79
CA SER B 235 -1.25 -10.52 -14.37
C SER B 235 -1.87 -11.84 -13.88
N GLN B 236 -3.07 -11.76 -13.31
CA GLN B 236 -3.71 -12.98 -12.82
C GLN B 236 -4.26 -13.90 -13.92
N LYS B 237 -4.65 -13.34 -15.07
CA LYS B 237 -5.35 -14.08 -16.11
C LYS B 237 -4.58 -14.38 -17.34
N LEU B 238 -3.44 -13.74 -17.53
CA LEU B 238 -2.70 -13.84 -18.79
C LEU B 238 -1.34 -14.38 -18.56
N TYR B 239 -0.84 -15.07 -19.60
CA TYR B 239 0.48 -15.67 -19.60
C TYR B 239 1.26 -15.28 -20.85
N TYR B 240 2.58 -15.25 -20.72
CA TYR B 240 3.48 -15.02 -21.85
C TYR B 240 3.51 -16.23 -22.79
N ASP B 241 3.39 -17.45 -22.24
CA ASP B 241 3.76 -18.68 -22.96
C ASP B 241 2.62 -19.71 -23.11
N LYS B 242 2.67 -20.49 -24.17
CA LYS B 242 1.70 -21.52 -24.40
C LYS B 242 1.71 -22.62 -23.31
N GLU B 243 2.79 -22.75 -22.54
CA GLU B 243 2.86 -23.76 -21.49
C GLU B 243 2.24 -23.26 -20.20
N GLN B 244 1.78 -22.04 -20.23
CA GLN B 244 1.20 -21.39 -19.08
C GLN B 244 2.09 -21.48 -17.81
N THR B 245 3.33 -21.04 -17.90
CA THR B 245 4.23 -21.00 -16.75
C THR B 245 4.71 -19.60 -16.30
N VAL B 246 4.56 -18.58 -17.14
CA VAL B 246 4.98 -17.22 -16.81
C VAL B 246 3.80 -16.26 -16.92
N SER B 247 3.33 -15.79 -15.78
CA SER B 247 2.20 -14.88 -15.75
C SER B 247 2.64 -13.58 -16.47
N MET B 248 1.75 -13.00 -17.27
CA MET B 248 2.15 -11.82 -18.06
C MET B 248 2.16 -10.58 -17.21
N LYS B 249 3.33 -9.99 -17.06
CA LYS B 249 3.54 -8.72 -16.34
C LYS B 249 4.97 -8.26 -16.62
N ASP B 250 5.22 -6.97 -16.36
CA ASP B 250 6.50 -6.31 -16.64
C ASP B 250 6.88 -6.45 -18.08
N ASN B 251 5.85 -6.30 -18.93
CA ASN B 251 5.99 -6.33 -20.37
C ASN B 251 6.27 -4.87 -20.73
N VAL B 252 7.41 -4.40 -20.22
CA VAL B 252 7.75 -3.01 -20.20
C VAL B 252 9.16 -2.86 -20.72
N ARG B 253 9.32 -2.03 -21.75
CA ARG B 253 10.63 -1.64 -22.24
C ARG B 253 11.28 -0.60 -21.30
N PRO B 254 12.58 -0.77 -20.99
CA PRO B 254 13.28 0.23 -20.22
C PRO B 254 13.33 1.57 -20.89
N LEU B 255 13.50 2.60 -20.08
CA LEU B 255 13.54 3.96 -20.53
C LEU B 255 14.73 4.23 -21.43
N GLN B 256 14.48 5.08 -22.42
CA GLN B 256 15.47 5.43 -23.43
C GLN B 256 15.80 6.92 -23.30
N GLN B 257 16.97 7.30 -23.78
CA GLN B 257 17.43 8.69 -23.65
C GLN B 257 16.87 9.55 -24.78
N LEU B 258 16.56 10.78 -24.42
CA LEU B 258 15.93 11.76 -25.28
C LEU B 258 16.85 12.19 -26.45
N GLY B 259 18.13 12.33 -26.17
CA GLY B 259 19.11 12.62 -27.20
C GLY B 259 18.97 14.05 -27.66
N GLN B 260 18.88 14.28 -28.96
CA GLN B 260 18.67 15.64 -29.51
C GLN B 260 17.25 16.20 -29.40
N ARG B 261 16.32 15.44 -28.82
CA ARG B 261 14.91 15.74 -28.97
C ARG B 261 14.36 16.59 -27.83
N THR B 262 13.18 17.15 -28.09
CA THR B 262 12.45 18.00 -27.19
C THR B 262 11.10 17.37 -26.96
N VAL B 263 10.56 17.56 -25.77
CA VAL B 263 9.17 17.23 -25.48
C VAL B 263 8.42 18.55 -25.40
N ILE B 264 7.23 18.58 -26.01
CA ILE B 264 6.35 19.72 -25.94
C ILE B 264 5.02 19.30 -25.33
N LYS B 265 4.21 20.30 -25.03
CA LYS B 265 2.90 20.04 -24.49
C LYS B 265 1.84 21.06 -24.94
N SER B 266 0.60 20.65 -24.83
CA SER B 266 -0.52 21.52 -25.16
C SER B 266 -0.74 22.56 -24.06
N SER C 3 25.83 -15.13 1.89
CA SER C 3 27.13 -14.60 2.39
C SER C 3 27.00 -13.07 2.66
N HIS C 4 27.92 -12.24 2.18
CA HIS C 4 27.92 -10.82 2.53
C HIS C 4 27.19 -10.02 1.45
N TRP C 5 26.90 -8.76 1.76
CA TRP C 5 26.10 -7.92 0.87
C TRP C 5 26.92 -7.41 -0.30
N CYS C 6 26.27 -7.20 -1.41
CA CYS C 6 26.94 -6.68 -2.60
C CYS C 6 25.97 -5.86 -3.42
N TYR C 7 26.49 -5.23 -4.46
CA TYR C 7 25.64 -4.65 -5.49
C TYR C 7 25.32 -5.65 -6.62
N GLU C 8 24.20 -5.44 -7.30
CA GLU C 8 23.79 -6.31 -8.41
C GLU C 8 24.96 -6.58 -9.39
N VAL C 9 25.68 -5.54 -9.79
CA VAL C 9 26.85 -5.69 -10.68
C VAL C 9 27.92 -6.68 -10.18
N GLN C 10 28.13 -6.74 -8.87
CA GLN C 10 29.08 -7.69 -8.28
C GLN C 10 28.59 -9.11 -8.43
N ALA C 11 27.32 -9.35 -8.12
CA ALA C 11 26.71 -10.67 -8.29
C ALA C 11 26.74 -11.17 -9.75
N GLU C 12 26.40 -10.28 -10.68
CA GLU C 12 26.39 -10.58 -12.11
C GLU C 12 27.77 -10.80 -12.67
N SER C 13 28.80 -10.22 -12.06
CA SER C 13 30.17 -10.32 -12.59
C SER C 13 31.03 -11.30 -11.84
N SER C 14 30.44 -12.21 -11.07
CA SER C 14 31.22 -13.22 -10.37
C SER C 14 30.33 -14.35 -9.83
N ASN C 15 30.95 -15.48 -9.54
CA ASN C 15 30.28 -16.64 -8.92
C ASN C 15 30.40 -16.68 -7.40
N TYR C 16 31.27 -15.85 -6.85
CA TYR C 16 31.46 -15.73 -5.41
C TYR C 16 30.15 -15.15 -4.82
N PRO C 17 29.31 -15.98 -4.16
CA PRO C 17 27.93 -15.56 -3.87
C PRO C 17 27.84 -14.46 -2.80
N CYS C 18 26.75 -13.68 -2.88
CA CYS C 18 26.56 -12.48 -2.07
C CYS C 18 25.10 -11.99 -2.12
N LEU C 19 24.67 -11.24 -1.11
CA LEU C 19 23.34 -10.69 -1.09
C LEU C 19 23.25 -9.41 -1.93
N VAL C 20 22.50 -9.49 -3.04
CA VAL C 20 22.14 -8.33 -3.85
C VAL C 20 21.15 -7.39 -3.12
N PRO C 21 21.03 -6.13 -3.56
CA PRO C 21 20.18 -5.18 -2.84
C PRO C 21 18.77 -5.64 -2.46
N VAL C 22 18.04 -6.33 -3.34
CA VAL C 22 16.67 -6.78 -2.99
C VAL C 22 16.65 -7.84 -1.89
N LYS C 23 17.81 -8.46 -1.69
CA LYS C 23 17.98 -9.48 -0.67
C LYS C 23 18.72 -9.00 0.55
N TRP C 24 19.03 -7.73 0.66
CA TRP C 24 19.68 -7.20 1.86
C TRP C 24 18.86 -7.38 3.18
N GLY C 25 19.57 -7.64 4.27
CA GLY C 25 18.96 -7.79 5.57
C GLY C 25 18.94 -6.51 6.38
N GLY C 26 19.24 -6.61 7.65
CA GLY C 26 19.23 -5.46 8.51
C GLY C 26 17.91 -4.74 8.57
N ASN C 27 18.00 -3.38 8.50
CA ASN C 27 16.78 -2.59 8.33
C ASN C 27 16.46 -2.25 6.85
N CYS C 28 17.09 -2.97 5.92
CA CYS C 28 17.01 -2.64 4.52
C CYS C 28 15.64 -2.91 3.87
N GLN C 29 14.75 -3.65 4.53
CA GLN C 29 13.43 -3.89 3.97
C GLN C 29 12.35 -3.17 4.73
N LYS C 30 12.71 -2.09 5.44
CA LYS C 30 11.73 -1.28 6.16
C LYS C 30 11.19 -0.13 5.31
N ASP C 31 10.31 0.68 5.86
CA ASP C 31 9.46 1.53 5.04
C ASP C 31 9.90 2.94 4.86
N ARG C 32 11.02 3.32 5.47
CA ARG C 32 11.48 4.70 5.42
C ARG C 32 12.89 4.75 4.80
N GLN C 33 13.04 4.08 3.66
CA GLN C 33 14.38 3.85 3.06
C GLN C 33 14.81 4.92 2.05
N SER C 34 16.11 4.94 1.78
CA SER C 34 16.73 5.86 0.83
C SER C 34 17.57 5.00 -0.10
N PRO C 35 17.86 5.44 -1.33
CA PRO C 35 17.53 6.75 -1.86
C PRO C 35 16.14 6.78 -2.51
N ILE C 36 15.75 7.96 -2.98
CA ILE C 36 14.44 8.16 -3.61
C ILE C 36 14.52 9.07 -4.80
N ASN C 37 13.43 9.02 -5.58
CA ASN C 37 13.18 10.01 -6.61
C ASN C 37 12.44 11.22 -6.02
N ILE C 38 12.97 12.40 -6.27
CA ILE C 38 12.35 13.64 -5.81
C ILE C 38 11.61 14.28 -6.98
N VAL C 39 10.29 14.35 -6.84
CA VAL C 39 9.48 15.13 -7.74
C VAL C 39 9.58 16.55 -7.21
N THR C 40 10.39 17.34 -7.89
CA THR C 40 10.80 18.65 -7.43
C THR C 40 9.61 19.60 -7.25
N THR C 41 8.69 19.64 -8.22
CA THR C 41 7.43 20.45 -8.05
C THR C 41 6.53 19.97 -6.88
N LYS C 42 6.62 18.71 -6.47
CA LYS C 42 5.82 18.28 -5.32
C LYS C 42 6.48 18.51 -3.97
N ALA C 43 7.74 18.92 -3.96
CA ALA C 43 8.43 19.25 -2.72
C ALA C 43 8.00 20.64 -2.29
N LYS C 44 7.30 20.74 -1.16
CA LYS C 44 6.87 22.04 -0.65
C LYS C 44 8.02 22.84 -0.07
N VAL C 45 8.02 24.14 -0.36
CA VAL C 45 8.92 25.08 0.28
C VAL C 45 8.62 25.13 1.79
N ASP C 46 9.67 25.14 2.60
CA ASP C 46 9.57 25.33 4.05
C ASP C 46 10.56 26.43 4.47
N LYS C 47 10.06 27.47 5.13
CA LYS C 47 10.87 28.66 5.43
C LYS C 47 11.78 28.49 6.62
N LYS C 48 11.51 27.49 7.46
CA LYS C 48 12.46 27.13 8.51
C LYS C 48 13.77 26.51 7.99
N LEU C 49 13.88 26.20 6.69
CA LEU C 49 15.14 25.74 6.08
C LEU C 49 16.04 26.87 5.62
N GLY C 50 16.99 27.29 6.46
CA GLY C 50 17.93 28.36 6.10
C GLY C 50 19.20 27.87 5.41
N ARG C 51 20.12 28.79 5.15
CA ARG C 51 21.39 28.45 4.55
C ARG C 51 22.23 27.50 5.43
N PHE C 52 23.15 26.75 4.84
CA PHE C 52 24.07 25.93 5.65
C PHE C 52 25.22 26.78 6.11
N PHE C 53 25.80 26.41 7.23
CA PHE C 53 27.08 26.99 7.66
C PHE C 53 28.08 25.84 7.72
N PHE C 54 29.13 25.99 6.96
CA PHE C 54 30.18 24.99 6.82
C PHE C 54 31.37 25.41 7.65
N SER C 55 31.84 24.52 8.49
CA SER C 55 32.92 24.84 9.38
C SER C 55 34.01 23.82 9.15
N GLY C 56 35.22 24.32 8.89
CA GLY C 56 36.35 23.48 8.48
C GLY C 56 36.41 23.05 7.00
N TYR C 57 35.43 23.46 6.18
CA TYR C 57 35.36 23.05 4.77
C TYR C 57 36.34 23.80 3.83
N ASP C 58 36.74 25.00 4.21
CA ASP C 58 37.70 25.80 3.45
C ASP C 58 39.16 25.55 3.82
N LYS C 59 39.44 24.80 4.91
CA LYS C 59 40.82 24.48 5.29
C LYS C 59 41.44 23.43 4.41
N LYS C 60 42.66 23.70 3.97
CA LYS C 60 43.47 22.80 3.19
C LYS C 60 44.06 21.76 4.10
N GLN C 61 44.05 20.53 3.66
CA GLN C 61 44.27 19.35 4.48
C GLN C 61 44.83 18.28 3.55
N THR C 62 45.68 17.39 4.05
CA THR C 62 46.11 16.22 3.29
C THR C 62 45.27 15.06 3.80
N TRP C 63 44.20 14.74 3.10
CA TRP C 63 43.25 13.75 3.58
C TRP C 63 43.68 12.33 3.21
N THR C 64 43.32 11.38 4.06
CA THR C 64 43.40 9.95 3.73
C THR C 64 42.19 9.50 2.96
N VAL C 65 42.41 8.71 1.92
CA VAL C 65 41.33 8.16 1.13
C VAL C 65 41.62 6.68 0.98
N GLN C 66 40.60 5.86 1.20
CA GLN C 66 40.72 4.43 1.12
C GLN C 66 39.66 3.79 0.22
N ASN C 67 40.04 2.68 -0.40
CA ASN C 67 39.11 1.74 -1.08
C ASN C 67 38.67 0.67 -0.06
N ASN C 68 37.37 0.60 0.18
CA ASN C 68 36.82 -0.33 1.20
C ASN C 68 35.98 -1.41 0.56
N GLY C 69 36.14 -1.55 -0.75
CA GLY C 69 35.49 -2.55 -1.48
C GLY C 69 34.09 -2.22 -1.89
N HIS C 70 33.55 -1.10 -1.47
CA HIS C 70 32.23 -0.65 -1.91
C HIS C 70 32.27 0.72 -2.55
N SER C 71 33.24 1.52 -2.14
CA SER C 71 33.45 2.87 -2.62
C SER C 71 34.89 3.29 -2.29
N VAL C 72 35.19 4.55 -2.60
CA VAL C 72 36.35 5.26 -2.10
C VAL C 72 35.82 6.26 -1.11
N MET C 73 36.50 6.31 0.05
CA MET C 73 36.07 7.03 1.24
C MET C 73 37.24 7.81 1.78
N MET C 74 37.02 9.13 1.92
CA MET C 74 37.96 10.01 2.62
C MET C 74 37.57 10.06 4.10
N LEU C 75 38.53 9.84 5.01
CA LEU C 75 38.30 9.85 6.45
C LEU C 75 38.42 11.28 6.95
N LEU C 76 37.36 11.83 7.53
CA LEU C 76 37.30 13.29 7.85
C LEU C 76 37.59 13.70 9.29
N GLU C 77 37.41 12.76 10.22
CA GLU C 77 37.96 12.81 11.58
C GLU C 77 37.56 14.03 12.38
N ASN C 78 36.32 14.41 12.29
CA ASN C 78 35.82 15.57 12.95
C ASN C 78 36.52 16.90 12.59
N LYS C 79 37.24 16.95 11.47
CA LYS C 79 37.90 18.19 11.07
C LYS C 79 36.98 19.21 10.42
N ALA C 80 35.74 18.85 10.25
CA ALA C 80 34.72 19.71 9.69
C ALA C 80 33.42 19.43 10.36
N SER C 81 32.55 20.42 10.34
CA SER C 81 31.23 20.30 10.93
C SER C 81 30.30 21.17 10.15
N ILE C 82 29.01 20.94 10.39
CA ILE C 82 27.93 21.74 9.74
C ILE C 82 26.85 22.17 10.72
N SER C 83 26.15 23.22 10.32
CA SER C 83 25.01 23.69 11.10
C SER C 83 24.16 24.58 10.19
N GLY C 84 23.02 25.02 10.68
CA GLY C 84 22.01 25.60 9.83
C GLY C 84 21.40 24.51 8.97
N GLY C 85 20.90 24.87 7.80
CA GLY C 85 20.25 23.93 6.88
C GLY C 85 19.02 23.31 7.46
N GLY C 86 18.36 24.02 8.38
CA GLY C 86 17.26 23.46 9.15
C GLY C 86 17.62 22.36 10.15
N LEU C 87 18.91 22.09 10.33
CA LEU C 87 19.33 21.02 11.22
C LEU C 87 19.14 21.41 12.68
N PRO C 88 18.76 20.45 13.53
CA PRO C 88 18.42 20.81 14.91
C PRO C 88 19.62 21.03 15.80
N ALA C 89 20.83 20.91 15.28
CA ALA C 89 22.04 20.87 16.07
C ALA C 89 23.21 20.89 15.11
N PRO C 90 24.42 21.10 15.62
CA PRO C 90 25.61 20.86 14.81
C PRO C 90 25.90 19.36 14.60
N TYR C 91 26.44 19.02 13.44
CA TYR C 91 26.84 17.65 13.09
C TYR C 91 28.29 17.67 12.66
N GLN C 92 29.05 16.71 13.15
CA GLN C 92 30.47 16.59 12.84
C GLN C 92 30.72 15.67 11.67
N ALA C 93 31.61 16.08 10.77
CA ALA C 93 31.93 15.27 9.61
C ALA C 93 32.81 14.05 9.96
N LYS C 94 32.40 12.89 9.44
CA LYS C 94 33.05 11.62 9.69
C LYS C 94 33.83 11.13 8.47
N GLN C 95 33.19 11.17 7.31
CA GLN C 95 33.72 10.52 6.12
C GLN C 95 32.98 10.95 4.91
N LEU C 96 33.68 10.93 3.79
CA LEU C 96 33.11 11.28 2.51
C LEU C 96 33.36 10.11 1.59
N HIS C 97 32.36 9.74 0.80
CA HIS C 97 32.48 8.70 -0.20
C HIS C 97 31.53 8.98 -1.37
N LEU C 98 31.58 8.13 -2.39
CA LEU C 98 30.81 8.37 -3.63
C LEU C 98 30.13 7.14 -4.17
N HIS C 99 29.14 7.37 -5.01
CA HIS C 99 28.48 6.32 -5.76
C HIS C 99 28.54 6.73 -7.20
N TRP C 100 28.75 5.80 -8.12
CA TRP C 100 28.88 6.16 -9.54
C TRP C 100 28.58 5.05 -10.55
N SER C 101 28.48 5.46 -11.80
CA SER C 101 28.51 4.57 -12.93
C SER C 101 29.57 5.06 -13.95
N ASP C 102 29.41 4.67 -15.20
CA ASP C 102 30.27 5.11 -16.33
C ASP C 102 29.47 5.70 -17.51
N LEU C 103 28.23 6.15 -17.23
CA LEU C 103 27.28 6.70 -18.20
C LEU C 103 26.75 8.05 -17.72
N PRO C 104 26.51 9.01 -18.64
CA PRO C 104 26.05 10.36 -18.22
C PRO C 104 24.69 10.38 -17.55
N TYR C 105 23.88 9.35 -17.81
CA TYR C 105 22.45 9.26 -17.40
C TYR C 105 22.22 8.36 -16.21
N LYS C 106 23.30 7.86 -15.59
CA LYS C 106 23.20 7.20 -14.29
C LYS C 106 24.48 7.24 -13.46
N GLY C 107 24.32 6.91 -12.20
CA GLY C 107 25.38 6.91 -11.25
C GLY C 107 24.97 7.48 -9.91
N SER C 108 23.93 8.31 -9.89
CA SER C 108 23.49 8.90 -8.66
C SER C 108 22.55 7.91 -7.99
N GLU C 109 22.45 8.00 -6.67
CA GLU C 109 21.46 7.24 -5.94
C GLU C 109 20.04 7.89 -5.96
N HIS C 110 19.98 9.17 -5.58
CA HIS C 110 18.77 10.00 -5.70
C HIS C 110 18.62 10.42 -7.16
N SER C 111 17.39 10.54 -7.64
CA SER C 111 17.10 11.25 -8.89
C SER C 111 16.24 12.47 -8.62
N LEU C 112 16.28 13.42 -9.56
CA LEU C 112 15.41 14.63 -9.51
C LEU C 112 14.51 14.64 -10.74
N ASP C 113 13.19 14.54 -10.53
CA ASP C 113 12.19 14.38 -11.61
C ASP C 113 12.55 13.28 -12.62
N GLY C 114 13.02 12.16 -12.09
CA GLY C 114 13.52 11.08 -12.87
C GLY C 114 14.90 11.22 -13.50
N GLU C 115 15.59 12.34 -13.37
CA GLU C 115 16.94 12.49 -13.92
C GLU C 115 17.97 11.95 -12.91
N HIS C 116 18.76 10.96 -13.34
CA HIS C 116 19.90 10.48 -12.61
C HIS C 116 21.13 11.21 -13.12
N PHE C 117 22.07 11.44 -12.22
CA PHE C 117 23.31 12.06 -12.59
C PHE C 117 24.43 11.02 -12.55
N ALA C 118 25.62 11.42 -13.00
CA ALA C 118 26.75 10.52 -13.27
C ALA C 118 27.38 9.95 -12.01
N MET C 119 27.37 10.74 -10.92
CA MET C 119 27.80 10.28 -9.61
C MET C 119 26.96 10.96 -8.53
N GLU C 120 27.05 10.43 -7.33
CA GLU C 120 26.55 11.13 -6.17
C GLU C 120 27.58 11.06 -5.05
N MET C 121 27.96 12.21 -4.49
CA MET C 121 28.92 12.25 -3.38
C MET C 121 28.14 12.37 -2.09
N HIS C 122 28.56 11.64 -1.08
CA HIS C 122 27.94 11.70 0.23
C HIS C 122 28.90 12.13 1.32
N ILE C 123 28.59 13.24 2.00
CA ILE C 123 29.42 13.70 3.14
C ILE C 123 28.62 13.41 4.40
N VAL C 124 29.15 12.51 5.22
CA VAL C 124 28.39 11.86 6.26
C VAL C 124 28.76 12.52 7.60
N HIS C 125 27.74 13.06 8.29
CA HIS C 125 27.96 13.77 9.55
C HIS C 125 27.17 13.09 10.65
N GLU C 126 27.65 13.28 11.87
CA GLU C 126 26.94 12.80 13.02
C GLU C 126 26.66 13.91 14.00
N LYS C 127 25.47 13.87 14.56
CA LYS C 127 24.95 14.89 15.47
C LYS C 127 25.89 14.96 16.66
N GLU C 128 26.34 16.18 17.01
CA GLU C 128 27.27 16.35 18.13
C GLU C 128 26.62 15.99 19.47
N LYS C 129 27.32 15.13 20.21
CA LYS C 129 26.89 14.71 21.53
C LYS C 129 26.64 15.94 22.38
N GLY C 130 25.51 15.96 23.08
CA GLY C 130 25.17 17.04 23.96
C GLY C 130 24.50 18.25 23.36
N THR C 131 24.53 18.42 22.04
CA THR C 131 24.11 19.69 21.42
C THR C 131 22.64 19.76 21.02
N SER C 132 21.92 18.65 21.16
CA SER C 132 20.46 18.66 20.93
C SER C 132 19.86 19.49 22.06
N ARG C 133 19.00 20.43 21.71
CA ARG C 133 18.51 21.43 22.66
C ARG C 133 17.47 20.90 23.66
N ASN C 134 16.77 19.83 23.32
CA ASN C 134 15.73 19.29 24.18
C ASN C 134 15.76 17.76 24.16
N VAL C 135 15.22 17.18 25.24
CA VAL C 135 15.19 15.73 25.49
C VAL C 135 14.59 15.00 24.29
N LYS C 136 13.50 15.53 23.74
CA LYS C 136 12.85 14.91 22.61
C LYS C 136 13.77 14.90 21.34
N GLU C 137 14.51 15.97 21.08
CA GLU C 137 15.45 15.97 19.93
C GLU C 137 16.62 15.04 20.19
N ALA C 138 17.15 15.07 21.42
CA ALA C 138 18.32 14.25 21.78
C ALA C 138 18.08 12.76 21.57
N GLN C 139 16.91 12.30 21.95
CA GLN C 139 16.50 10.91 21.85
C GLN C 139 15.87 10.48 20.50
N ASP C 140 15.75 11.41 19.56
CA ASP C 140 15.23 11.13 18.21
C ASP C 140 16.22 10.22 17.41
N PRO C 141 15.81 8.99 17.11
CA PRO C 141 16.73 8.21 16.33
C PRO C 141 16.65 8.50 14.80
N GLU C 142 15.81 9.39 14.32
CA GLU C 142 15.61 9.53 12.87
C GLU C 142 16.61 10.47 12.21
N ASP C 143 17.30 11.27 13.03
CA ASP C 143 18.21 12.30 12.54
C ASP C 143 19.59 12.32 13.21
N GLU C 144 20.03 11.17 13.69
CA GLU C 144 21.31 11.00 14.28
C GLU C 144 22.42 11.31 13.30
N ILE C 145 22.17 10.93 12.03
CA ILE C 145 23.12 11.08 10.93
C ILE C 145 22.58 12.11 9.96
N ALA C 146 23.46 12.97 9.48
CA ALA C 146 23.10 13.94 8.48
C ALA C 146 24.03 13.66 7.31
N VAL C 147 23.46 13.31 6.15
CA VAL C 147 24.23 13.15 4.92
C VAL C 147 23.94 14.32 3.99
N LEU C 148 24.99 14.98 3.54
CA LEU C 148 24.91 15.91 2.43
C LEU C 148 25.18 15.14 1.16
N ALA C 149 24.26 15.25 0.20
CA ALA C 149 24.37 14.61 -1.12
C ALA C 149 24.59 15.67 -2.18
N PHE C 150 25.63 15.48 -2.97
CA PHE C 150 25.92 16.33 -4.11
C PHE C 150 25.88 15.45 -5.33
N LEU C 151 25.10 15.88 -6.32
CA LEU C 151 25.00 15.20 -7.61
C LEU C 151 26.12 15.74 -8.48
N VAL C 152 26.67 14.86 -9.29
CA VAL C 152 27.77 15.19 -10.17
C VAL C 152 27.30 15.00 -11.58
N GLU C 153 27.60 15.95 -12.46
CA GLU C 153 27.43 15.74 -13.90
C GLU C 153 28.67 16.11 -14.65
N ALA C 154 28.75 15.68 -15.89
CA ALA C 154 29.92 15.99 -16.75
C ALA C 154 29.87 17.43 -17.25
N GLY C 155 31.00 18.13 -17.19
CA GLY C 155 31.20 19.40 -17.89
C GLY C 155 32.42 19.31 -18.79
N THR C 156 32.70 20.39 -19.52
CA THR C 156 33.82 20.47 -20.47
C THR C 156 35.16 20.51 -19.82
N GLN C 157 35.17 21.02 -18.61
CA GLN C 157 36.37 21.51 -18.00
C GLN C 157 36.82 20.55 -16.94
N VAL C 158 38.12 20.37 -16.81
CA VAL C 158 38.69 19.62 -15.69
C VAL C 158 38.46 20.43 -14.42
N ASN C 159 37.74 19.85 -13.46
CA ASN C 159 37.58 20.45 -12.15
C ASN C 159 38.87 20.22 -11.35
N GLU C 160 39.64 21.30 -11.20
CA GLU C 160 40.93 21.23 -10.54
C GLU C 160 40.78 20.88 -9.07
N GLY C 161 39.76 21.43 -8.46
CA GLY C 161 39.38 21.10 -7.10
C GLY C 161 39.38 19.63 -6.82
N PHE C 162 38.82 18.88 -7.77
CA PHE C 162 38.69 17.42 -7.68
C PHE C 162 39.93 16.61 -7.97
N GLN C 163 40.88 17.16 -8.72
CA GLN C 163 42.03 16.36 -9.11
C GLN C 163 42.83 15.63 -8.03
N PRO C 164 43.09 16.26 -6.86
CA PRO C 164 43.80 15.47 -5.83
C PRO C 164 43.08 14.17 -5.49
N LEU C 165 41.77 14.19 -5.38
CA LEU C 165 41.01 12.95 -5.22
C LEU C 165 41.20 12.00 -6.43
N VAL C 166 41.08 12.56 -7.63
CA VAL C 166 41.16 11.70 -8.82
C VAL C 166 42.54 11.02 -8.94
N GLU C 167 43.59 11.77 -8.68
CA GLU C 167 44.92 11.25 -8.77
C GLU C 167 45.23 10.24 -7.71
N ALA C 168 44.67 10.41 -6.53
CA ALA C 168 44.80 9.39 -5.50
C ALA C 168 44.21 8.04 -5.85
N LEU C 169 43.20 7.99 -6.72
CA LEU C 169 42.60 6.68 -7.11
C LEU C 169 43.62 5.68 -7.69
N SER C 170 44.60 6.16 -8.43
CA SER C 170 45.68 5.27 -8.93
C SER C 170 46.39 4.44 -7.83
N ASN C 171 46.51 5.02 -6.63
CA ASN C 171 47.17 4.28 -5.55
C ASN C 171 46.31 3.37 -4.71
N ILE C 172 44.99 3.30 -4.98
CA ILE C 172 44.11 2.46 -4.17
C ILE C 172 43.18 1.57 -5.00
N PRO C 173 43.75 0.85 -5.98
CA PRO C 173 42.98 0.06 -6.92
C PRO C 173 42.17 -1.10 -6.30
N LYS C 174 42.69 -1.70 -5.22
CA LYS C 174 42.06 -2.85 -4.57
C LYS C 174 41.48 -2.49 -3.25
N PRO C 175 40.55 -3.31 -2.74
CA PRO C 175 40.05 -3.09 -1.38
C PRO C 175 41.13 -3.17 -0.30
N GLU C 176 40.91 -2.47 0.81
CA GLU C 176 41.82 -2.38 1.95
C GLU C 176 43.10 -1.63 1.65
N MET C 177 43.10 -0.82 0.58
CA MET C 177 44.23 0.02 0.28
C MET C 177 43.86 1.44 0.64
N SER C 178 44.84 2.22 1.04
CA SER C 178 44.65 3.65 1.30
C SER C 178 45.85 4.44 0.83
N THR C 179 45.67 5.76 0.79
CA THR C 179 46.71 6.66 0.34
C THR C 179 46.41 8.06 0.87
N THR C 180 47.38 8.96 0.75
CA THR C 180 47.20 10.33 1.22
C THR C 180 46.96 11.16 0.00
N MET C 181 46.04 12.11 0.11
CA MET C 181 45.77 13.04 -0.98
C MET C 181 46.64 14.24 -0.78
N ALA C 182 47.01 14.85 -1.91
CA ALA C 182 47.62 16.16 -1.91
C ALA C 182 46.64 17.11 -1.27
N GLU C 183 47.21 18.24 -0.86
CA GLU C 183 46.51 19.26 -0.10
C GLU C 183 45.29 19.73 -0.87
N SER C 184 44.17 19.77 -0.17
CA SER C 184 42.88 20.08 -0.76
C SER C 184 41.91 20.39 0.36
N SER C 185 40.81 21.02 0.01
CA SER C 185 39.77 21.35 1.00
C SER C 185 38.49 20.66 0.57
N LEU C 186 37.50 20.60 1.45
CA LEU C 186 36.22 19.99 1.10
C LEU C 186 35.45 20.90 0.12
N LEU C 187 35.48 22.20 0.39
CA LEU C 187 34.99 23.20 -0.57
C LEU C 187 35.59 23.05 -1.96
N ASP C 188 36.86 22.71 -2.07
CA ASP C 188 37.41 22.39 -3.39
C ASP C 188 36.60 21.36 -4.17
N LEU C 189 35.84 20.51 -3.50
CA LEU C 189 35.08 19.44 -4.17
C LEU C 189 33.66 19.88 -4.52
N LEU C 190 33.19 20.96 -3.92
CA LEU C 190 31.77 21.32 -3.98
C LEU C 190 31.47 22.39 -5.04
N PRO C 191 30.18 22.59 -5.35
CA PRO C 191 29.80 23.81 -6.08
C PRO C 191 30.15 25.08 -5.28
N LYS C 192 30.08 26.25 -5.91
CA LYS C 192 30.20 27.52 -5.19
C LYS C 192 29.23 27.49 -4.03
N GLU C 193 29.72 27.93 -2.88
CA GLU C 193 28.94 27.92 -1.66
C GLU C 193 27.65 28.73 -1.74
N GLU C 194 27.63 29.76 -2.58
CA GLU C 194 26.43 30.59 -2.79
C GLU C 194 25.34 29.82 -3.52
N LYS C 195 25.76 28.84 -4.32
CA LYS C 195 24.82 28.01 -5.03
C LYS C 195 24.32 26.85 -4.20
N LEU C 196 24.68 26.75 -2.93
CA LEU C 196 24.16 25.67 -2.06
C LEU C 196 22.95 26.05 -1.24
N ARG C 197 22.24 27.09 -1.68
CA ARG C 197 21.11 27.63 -0.95
C ARG C 197 19.85 26.86 -1.27
N HIS C 198 19.76 26.31 -2.49
CA HIS C 198 18.67 25.42 -2.88
C HIS C 198 19.00 23.96 -2.62
N TYR C 199 18.23 23.34 -1.72
CA TYR C 199 18.35 21.90 -1.47
C TYR C 199 17.01 21.30 -1.14
N PHE C 200 16.96 19.97 -1.23
CA PHE C 200 15.83 19.18 -0.82
C PHE C 200 16.17 18.43 0.47
N ARG C 201 15.13 18.19 1.26
CA ARG C 201 15.23 17.65 2.59
C ARG C 201 14.14 16.58 2.85
N TYR C 202 14.56 15.41 3.34
CA TYR C 202 13.60 14.43 3.85
C TYR C 202 14.30 13.50 4.83
N LEU C 203 13.51 12.71 5.54
CA LEU C 203 14.00 11.72 6.50
C LEU C 203 14.07 10.34 5.91
N GLY C 204 15.19 9.64 6.12
CA GLY C 204 15.35 8.33 5.52
C GLY C 204 16.40 7.47 6.16
N SER C 205 17.12 6.74 5.32
CA SER C 205 18.03 5.71 5.76
C SER C 205 19.42 5.81 5.13
N LEU C 206 20.32 5.03 5.69
CA LEU C 206 21.61 4.79 5.09
C LEU C 206 21.34 3.90 3.87
N THR C 207 22.16 4.01 2.84
CA THR C 207 21.92 3.33 1.55
C THR C 207 22.77 2.07 1.35
N THR C 208 23.61 1.73 2.33
CA THR C 208 24.21 0.40 2.38
C THR C 208 23.78 -0.24 3.70
N PRO C 209 23.90 -1.57 3.81
CA PRO C 209 23.48 -2.27 5.03
C PRO C 209 24.25 -1.75 6.26
N THR C 210 23.61 -1.67 7.43
CA THR C 210 22.28 -2.22 7.68
C THR C 210 21.12 -1.27 7.38
N CYS C 211 21.37 -0.21 6.59
CA CYS C 211 20.28 0.68 6.10
C CYS C 211 19.42 1.30 7.20
N ASP C 212 20.05 1.63 8.32
CA ASP C 212 19.36 2.17 9.48
C ASP C 212 18.61 3.45 9.14
N GLU C 213 17.41 3.56 9.71
CA GLU C 213 16.56 4.68 9.42
C GLU C 213 16.84 5.76 10.42
N LYS C 214 18.02 6.35 10.29
CA LYS C 214 18.46 7.41 11.18
C LYS C 214 19.11 8.64 10.49
N VAL C 215 18.78 8.85 9.22
CA VAL C 215 19.43 9.88 8.42
C VAL C 215 18.46 10.98 8.07
N VAL C 216 18.86 12.21 8.38
CA VAL C 216 18.24 13.38 7.81
C VAL C 216 19.03 13.67 6.53
N TRP C 217 18.32 13.67 5.40
CA TRP C 217 18.97 13.77 4.08
C TRP C 217 18.87 15.20 3.59
N THR C 218 19.92 15.63 2.91
CA THR C 218 19.94 16.83 2.14
C THR C 218 20.50 16.47 0.77
N VAL C 219 19.73 16.78 -0.28
CA VAL C 219 20.20 16.71 -1.68
C VAL C 219 20.25 18.11 -2.27
N PHE C 220 21.45 18.58 -2.58
CA PHE C 220 21.58 19.90 -3.18
C PHE C 220 21.15 19.90 -4.62
N ARG C 221 20.44 20.96 -5.01
CA ARG C 221 19.96 21.08 -6.38
C ARG C 221 21.15 21.23 -7.31
N GLU C 222 22.15 21.99 -6.88
CA GLU C 222 23.22 22.46 -7.77
C GLU C 222 24.28 21.39 -7.90
N PRO C 223 24.46 20.83 -9.09
CA PRO C 223 25.46 19.78 -9.20
C PRO C 223 26.93 20.21 -9.20
N ILE C 224 27.79 19.26 -8.87
CA ILE C 224 29.20 19.34 -9.17
C ILE C 224 29.44 19.04 -10.67
N GLN C 225 30.35 19.77 -11.32
CA GLN C 225 30.72 19.53 -12.69
C GLN C 225 32.12 18.94 -12.73
N LEU C 226 32.25 17.72 -13.26
CA LEU C 226 33.58 17.14 -13.53
C LEU C 226 33.74 16.94 -15.01
N HIS C 227 34.97 16.86 -15.47
CA HIS C 227 35.23 16.34 -16.81
C HIS C 227 34.76 14.89 -16.88
N ARG C 228 34.20 14.47 -18.01
CA ARG C 228 33.80 13.03 -18.19
C ARG C 228 34.89 12.07 -17.73
N GLU C 229 36.11 12.36 -18.13
CA GLU C 229 37.24 11.52 -17.81
C GLU C 229 37.64 11.51 -16.36
N GLN C 230 37.32 12.57 -15.62
CA GLN C 230 37.47 12.53 -14.16
C GLN C 230 36.49 11.52 -13.52
N ILE C 231 35.26 11.52 -14.00
CA ILE C 231 34.26 10.57 -13.59
C ILE C 231 34.67 9.15 -13.97
N LEU C 232 35.09 8.99 -15.23
CA LEU C 232 35.57 7.69 -15.73
C LEU C 232 36.84 7.12 -15.07
N ALA C 233 37.67 7.98 -14.49
CA ALA C 233 38.81 7.50 -13.71
C ALA C 233 38.38 6.59 -12.54
N PHE C 234 37.19 6.78 -12.00
CA PHE C 234 36.73 5.93 -10.93
C PHE C 234 36.57 4.44 -11.34
N SER C 235 35.80 4.21 -12.39
CA SER C 235 35.61 2.87 -12.93
C SER C 235 36.86 2.28 -13.64
N GLN C 236 37.75 3.16 -14.11
CA GLN C 236 38.94 2.74 -14.85
C GLN C 236 40.03 2.32 -13.94
N LYS C 237 40.11 2.94 -12.75
CA LYS C 237 41.20 2.68 -11.82
C LYS C 237 40.91 1.73 -10.69
N LEU C 238 39.64 1.61 -10.32
CA LEU C 238 39.26 0.94 -9.10
C LEU C 238 38.61 -0.40 -9.32
N TYR C 239 38.72 -1.28 -8.33
CA TYR C 239 38.08 -2.61 -8.41
C TYR C 239 37.37 -2.95 -7.10
N TYR C 240 36.28 -3.69 -7.21
CA TYR C 240 35.57 -4.17 -6.04
C TYR C 240 36.42 -5.22 -5.30
N ASP C 241 37.24 -5.98 -6.04
CA ASP C 241 37.94 -7.16 -5.49
C ASP C 241 39.47 -7.10 -5.56
N LYS C 242 40.11 -7.79 -4.65
CA LYS C 242 41.55 -7.87 -4.65
C LYS C 242 42.05 -8.50 -5.94
N GLU C 243 41.30 -9.41 -6.58
CA GLU C 243 41.72 -10.05 -7.81
C GLU C 243 41.54 -9.17 -9.06
N GLN C 244 41.02 -8.00 -8.84
CA GLN C 244 40.77 -6.99 -9.88
C GLN C 244 40.12 -7.54 -11.12
N THR C 245 39.04 -8.29 -10.89
CA THR C 245 38.21 -8.82 -11.92
C THR C 245 36.95 -8.01 -12.10
N VAL C 246 36.57 -7.18 -11.13
CA VAL C 246 35.36 -6.37 -11.29
C VAL C 246 35.61 -4.90 -10.99
N SER C 247 35.66 -4.12 -12.08
CA SER C 247 35.78 -2.69 -12.03
C SER C 247 34.75 -2.06 -11.10
N MET C 248 35.17 -1.13 -10.24
CA MET C 248 34.24 -0.51 -9.30
C MET C 248 33.40 0.50 -10.01
N LYS C 249 32.13 0.18 -10.12
CA LYS C 249 31.12 1.05 -10.68
C LYS C 249 29.77 0.41 -10.38
N ASP C 250 28.72 1.23 -10.54
CA ASP C 250 27.34 0.84 -10.24
C ASP C 250 27.18 0.36 -8.80
N ASN C 251 27.90 1.05 -7.93
CA ASN C 251 27.80 0.86 -6.49
C ASN C 251 26.66 1.75 -5.99
N VAL C 252 25.47 1.44 -6.48
CA VAL C 252 24.30 2.31 -6.41
C VAL C 252 23.15 1.43 -5.99
N ARG C 253 22.47 1.84 -4.93
CA ARG C 253 21.34 1.09 -4.41
C ARG C 253 20.09 1.47 -5.23
N PRO C 254 19.26 0.49 -5.56
CA PRO C 254 18.07 0.91 -6.32
C PRO C 254 17.12 1.84 -5.54
N LEU C 255 16.26 2.49 -6.29
CA LEU C 255 15.39 3.49 -5.75
C LEU C 255 14.32 2.86 -4.83
N GLN C 256 14.03 3.55 -3.73
CA GLN C 256 13.07 3.11 -2.74
C GLN C 256 11.81 3.96 -2.86
N GLN C 257 10.68 3.41 -2.47
CA GLN C 257 9.45 4.20 -2.41
C GLN C 257 9.45 5.22 -1.27
N LEU C 258 8.99 6.42 -1.61
CA LEU C 258 8.82 7.51 -0.66
C LEU C 258 7.82 7.18 0.45
N GLY C 259 6.70 6.58 0.05
CA GLY C 259 5.76 5.99 1.02
C GLY C 259 5.01 7.09 1.74
N GLN C 260 4.93 7.01 3.06
CA GLN C 260 4.17 7.98 3.84
C GLN C 260 4.89 9.36 4.03
N ARG C 261 6.08 9.50 3.49
CA ARG C 261 6.89 10.68 3.72
C ARG C 261 6.62 11.85 2.78
N THR C 262 7.11 13.00 3.19
CA THR C 262 7.14 14.21 2.41
C THR C 262 8.57 14.73 2.22
N VAL C 263 8.83 15.36 1.10
CA VAL C 263 10.09 16.01 0.85
C VAL C 263 9.83 17.52 0.92
N ILE C 264 10.73 18.25 1.56
CA ILE C 264 10.60 19.68 1.61
C ILE C 264 11.79 20.30 0.96
N LYS C 265 11.66 21.60 0.68
CA LYS C 265 12.78 22.33 0.08
C LYS C 265 12.93 23.75 0.60
N SER C 266 14.14 24.27 0.46
CA SER C 266 14.42 25.64 0.87
C SER C 266 13.91 26.61 -0.21
N HIS D 4 -32.69 10.33 -2.02
CA HIS D 4 -31.96 9.26 -2.75
C HIS D 4 -30.97 8.46 -1.89
N TRP D 5 -30.15 9.06 -1.01
CA TRP D 5 -29.17 8.29 -0.20
C TRP D 5 -29.87 7.45 0.84
N CYS D 6 -29.39 6.22 1.04
CA CYS D 6 -29.94 5.36 2.07
C CYS D 6 -28.87 4.40 2.63
N TYR D 7 -29.27 3.68 3.68
CA TYR D 7 -28.52 2.54 4.19
C TYR D 7 -29.01 1.30 3.47
N GLU D 8 -28.16 0.30 3.47
CA GLU D 8 -28.40 -0.98 2.82
C GLU D 8 -29.77 -1.56 3.23
N VAL D 9 -29.99 -1.71 4.52
CA VAL D 9 -31.28 -2.19 5.03
C VAL D 9 -32.52 -1.53 4.40
N GLN D 10 -32.46 -0.22 4.13
CA GLN D 10 -33.55 0.46 3.44
C GLN D 10 -33.77 -0.01 2.00
N ALA D 11 -32.68 -0.16 1.24
CA ALA D 11 -32.76 -0.62 -0.15
C ALA D 11 -33.33 -2.01 -0.23
N GLU D 12 -32.93 -2.86 0.71
CA GLU D 12 -33.39 -4.23 0.74
C GLU D 12 -34.87 -4.39 1.04
N SER D 13 -35.42 -3.48 1.84
CA SER D 13 -36.84 -3.56 2.28
C SER D 13 -37.80 -2.71 1.42
N SER D 14 -37.37 -2.22 0.26
CA SER D 14 -38.25 -1.42 -0.57
C SER D 14 -37.85 -1.47 -2.04
N ASN D 15 -38.83 -1.22 -2.90
CA ASN D 15 -38.64 -1.21 -4.34
C ASN D 15 -37.98 0.05 -4.85
N TYR D 16 -38.16 1.13 -4.11
CA TYR D 16 -37.90 2.45 -4.62
C TYR D 16 -36.36 2.54 -4.67
N PRO D 17 -35.79 2.91 -5.82
CA PRO D 17 -34.33 2.96 -5.86
C PRO D 17 -33.76 4.03 -4.91
N CYS D 18 -32.65 3.72 -4.25
CA CYS D 18 -31.97 4.66 -3.34
C CYS D 18 -30.47 4.38 -3.38
N LEU D 19 -29.65 5.39 -3.14
CA LEU D 19 -28.18 5.22 -3.15
C LEU D 19 -27.67 4.65 -1.83
N VAL D 20 -27.17 3.43 -1.91
CA VAL D 20 -26.60 2.72 -0.76
C VAL D 20 -25.17 3.20 -0.51
N PRO D 21 -24.61 2.89 0.67
CA PRO D 21 -23.36 3.55 1.07
C PRO D 21 -22.20 3.51 0.08
N VAL D 22 -21.91 2.36 -0.52
CA VAL D 22 -20.83 2.30 -1.56
C VAL D 22 -21.08 3.19 -2.78
N LYS D 23 -22.33 3.55 -3.05
CA LYS D 23 -22.70 4.42 -4.16
C LYS D 23 -23.10 5.84 -3.78
N TRP D 24 -22.86 6.27 -2.55
CA TRP D 24 -23.18 7.64 -2.15
C TRP D 24 -22.29 8.62 -2.89
N GLY D 25 -22.83 9.80 -3.20
CA GLY D 25 -22.13 10.86 -3.89
C GLY D 25 -21.31 11.79 -3.02
N GLY D 26 -21.38 13.08 -3.25
CA GLY D 26 -20.68 14.08 -2.47
C GLY D 26 -19.22 13.81 -2.19
N ASN D 27 -18.57 13.94 -1.10
CA ASN D 27 -17.18 13.55 -0.82
C ASN D 27 -17.05 12.13 -0.30
N CYS D 28 -18.14 11.36 -0.32
CA CYS D 28 -18.18 10.05 0.29
C CYS D 28 -17.25 9.02 -0.29
N GLN D 29 -16.68 9.23 -1.49
CA GLN D 29 -15.70 8.32 -2.10
C GLN D 29 -14.24 8.77 -1.98
N LYS D 30 -13.97 9.76 -1.15
CA LYS D 30 -12.61 10.24 -0.94
C LYS D 30 -11.81 9.39 0.09
N ASP D 31 -10.61 9.87 0.48
CA ASP D 31 -9.57 9.07 1.15
C ASP D 31 -9.42 9.29 2.63
N ARG D 32 -10.18 10.19 3.21
CA ARG D 32 -10.08 10.45 4.62
C ARG D 32 -11.50 10.34 5.23
N GLN D 33 -12.09 9.17 5.00
CA GLN D 33 -13.44 8.89 5.40
C GLN D 33 -13.53 8.26 6.77
N SER D 34 -14.73 8.26 7.31
CA SER D 34 -15.04 7.76 8.64
C SER D 34 -16.34 6.94 8.48
N PRO D 35 -16.54 5.87 9.27
CA PRO D 35 -15.72 5.49 10.43
C PRO D 35 -14.58 4.57 10.07
N ILE D 36 -13.76 4.26 11.08
CA ILE D 36 -12.63 3.37 10.97
C ILE D 36 -12.59 2.45 12.16
N ASN D 37 -11.84 1.39 11.95
CA ASN D 37 -11.41 0.57 13.04
C ASN D 37 -10.16 1.21 13.69
N ILE D 38 -10.11 1.17 15.01
CA ILE D 38 -9.02 1.70 15.80
C ILE D 38 -8.30 0.56 16.51
N VAL D 39 -7.02 0.39 16.18
CA VAL D 39 -6.20 -0.59 16.82
C VAL D 39 -5.57 0.17 17.99
N THR D 40 -5.98 -0.15 19.21
CA THR D 40 -5.79 0.76 20.35
C THR D 40 -4.36 0.76 20.82
N THR D 41 -3.72 -0.41 20.76
CA THR D 41 -2.32 -0.52 21.13
C THR D 41 -1.39 0.10 20.08
N LYS D 42 -1.87 0.41 18.88
CA LYS D 42 -1.05 1.14 17.89
C LYS D 42 -1.28 2.63 17.79
N ALA D 43 -2.32 3.13 18.45
CA ALA D 43 -2.42 4.57 18.62
C ALA D 43 -1.41 5.04 19.66
N LYS D 44 -0.53 5.97 19.27
CA LYS D 44 0.47 6.55 20.19
C LYS D 44 -0.10 7.65 21.07
N VAL D 45 0.37 7.64 22.33
CA VAL D 45 0.00 8.68 23.27
C VAL D 45 0.52 10.01 22.77
N ASP D 46 -0.32 11.01 22.86
CA ASP D 46 0.09 12.35 22.57
C ASP D 46 -0.22 13.18 23.81
N LYS D 47 0.86 13.66 24.42
CA LYS D 47 0.82 14.44 25.66
C LYS D 47 -0.02 15.72 25.53
N LYS D 48 -0.23 16.19 24.29
CA LYS D 48 -1.07 17.35 24.01
C LYS D 48 -2.55 17.10 24.35
N LEU D 49 -2.98 15.85 24.40
CA LEU D 49 -4.40 15.50 24.56
C LEU D 49 -4.81 15.47 26.01
N GLY D 50 -5.22 16.64 26.52
CA GLY D 50 -5.72 16.74 27.88
C GLY D 50 -7.19 16.37 28.03
N ARG D 51 -7.66 16.52 29.25
CA ARG D 51 -9.06 16.29 29.58
CA ARG D 51 -9.06 16.23 29.53
C ARG D 51 -9.99 17.24 28.84
N PHE D 52 -11.22 16.81 28.65
CA PHE D 52 -12.25 17.68 28.11
C PHE D 52 -12.81 18.47 29.27
N PHE D 53 -13.24 19.70 28.97
CA PHE D 53 -13.96 20.54 29.90
C PHE D 53 -15.31 20.77 29.26
N PHE D 54 -16.36 20.46 30.01
CA PHE D 54 -17.71 20.48 29.49
C PHE D 54 -18.43 21.64 30.11
N SER D 55 -19.23 22.29 29.30
CA SER D 55 -20.05 23.39 29.77
C SER D 55 -21.50 23.19 29.27
N GLY D 56 -22.47 23.32 30.14
CA GLY D 56 -23.88 23.00 29.81
C GLY D 56 -24.26 21.52 29.80
N TYR D 57 -23.31 20.62 30.06
CA TYR D 57 -23.55 19.17 29.96
C TYR D 57 -24.26 18.62 31.20
N ASP D 58 -24.18 19.41 32.26
CA ASP D 58 -24.65 19.03 33.54
C ASP D 58 -26.01 19.65 33.90
N LYS D 59 -26.45 20.69 33.22
CA LYS D 59 -27.74 21.29 33.59
C LYS D 59 -28.92 20.62 32.92
N LYS D 60 -30.02 20.64 33.64
CA LYS D 60 -31.22 19.97 33.23
C LYS D 60 -31.92 20.82 32.15
N GLN D 61 -32.35 20.14 31.10
CA GLN D 61 -33.14 20.75 30.05
C GLN D 61 -34.22 19.78 29.69
N THR D 62 -35.25 20.28 29.03
CA THR D 62 -36.27 19.47 28.38
C THR D 62 -35.94 19.62 26.90
N TRP D 63 -35.02 18.81 26.41
CA TRP D 63 -34.54 18.90 25.04
C TRP D 63 -35.61 18.48 24.04
N THR D 64 -35.53 19.05 22.85
CA THR D 64 -36.33 18.53 21.73
C THR D 64 -35.58 17.38 21.06
N VAL D 65 -36.29 16.27 20.82
CA VAL D 65 -35.74 15.14 20.06
C VAL D 65 -36.63 14.84 18.84
N GLN D 66 -36.02 14.55 17.68
CA GLN D 66 -36.78 14.32 16.45
C GLN D 66 -36.34 13.09 15.68
N ASN D 67 -37.28 12.47 14.96
CA ASN D 67 -36.97 11.44 13.98
C ASN D 67 -36.81 12.11 12.63
N ASN D 68 -35.61 12.07 12.08
CA ASN D 68 -35.35 12.73 10.81
C ASN D 68 -35.29 11.79 9.64
N GLY D 69 -35.76 10.56 9.83
CA GLY D 69 -35.77 9.57 8.78
C GLY D 69 -34.51 8.72 8.66
N HIS D 70 -33.43 9.11 9.35
CA HIS D 70 -32.17 8.33 9.37
C HIS D 70 -31.72 8.00 10.78
N SER D 71 -32.18 8.76 11.78
CA SER D 71 -31.73 8.64 13.14
C SER D 71 -32.73 9.31 14.04
N VAL D 72 -32.46 9.29 15.35
CA VAL D 72 -33.10 10.23 16.26
C VAL D 72 -32.10 11.25 16.74
N MET D 73 -32.56 12.50 16.81
CA MET D 73 -31.67 13.63 17.03
C MET D 73 -32.21 14.62 18.07
N MET D 74 -31.44 14.79 19.16
CA MET D 74 -31.68 15.89 20.11
C MET D 74 -31.10 17.18 19.54
N LEU D 75 -31.90 18.23 19.56
CA LEU D 75 -31.47 19.56 19.12
C LEU D 75 -30.85 20.36 20.29
N LEU D 76 -29.57 20.68 20.19
CA LEU D 76 -28.83 21.22 21.35
C LEU D 76 -28.70 22.74 21.33
N GLU D 77 -28.85 23.36 20.14
CA GLU D 77 -29.08 24.80 20.00
C GLU D 77 -28.03 25.63 20.76
N ASN D 78 -26.77 25.23 20.64
CA ASN D 78 -25.66 25.92 21.26
C ASN D 78 -25.75 26.05 22.79
N LYS D 79 -26.58 25.26 23.44
CA LYS D 79 -26.79 25.32 24.87
C LYS D 79 -25.73 24.60 25.72
N ALA D 80 -24.74 24.07 25.06
CA ALA D 80 -23.60 23.43 25.71
C ALA D 80 -22.40 23.60 24.84
N SER D 81 -21.23 23.35 25.38
CA SER D 81 -19.98 23.50 24.65
C SER D 81 -18.86 22.75 25.34
N ILE D 82 -17.76 22.61 24.61
CA ILE D 82 -16.61 21.87 25.09
C ILE D 82 -15.32 22.64 24.88
N SER D 83 -14.37 22.37 25.77
CA SER D 83 -12.97 22.80 25.57
C SER D 83 -12.00 21.75 26.08
N GLY D 84 -10.70 22.05 26.05
CA GLY D 84 -9.69 21.03 26.31
C GLY D 84 -9.72 19.97 25.23
N GLY D 85 -9.46 18.72 25.58
CA GLY D 85 -9.50 17.61 24.62
C GLY D 85 -8.51 17.73 23.47
N GLY D 86 -7.43 18.47 23.68
CA GLY D 86 -6.55 18.87 22.63
C GLY D 86 -7.17 19.61 21.45
N LEU D 87 -8.31 20.22 21.65
CA LEU D 87 -8.89 21.06 20.61
C LEU D 87 -8.31 22.48 20.59
N PRO D 88 -8.14 23.06 19.40
CA PRO D 88 -7.55 24.40 19.23
C PRO D 88 -8.46 25.58 19.57
N ALA D 89 -9.74 25.31 19.80
CA ALA D 89 -10.72 26.31 20.16
C ALA D 89 -11.80 25.62 20.97
N PRO D 90 -12.63 26.38 21.68
CA PRO D 90 -13.89 25.79 22.13
C PRO D 90 -14.81 25.44 20.94
N TYR D 91 -15.65 24.42 21.13
CA TYR D 91 -16.62 23.97 20.15
C TYR D 91 -18.01 23.93 20.79
N GLN D 92 -19.02 24.27 20.00
CA GLN D 92 -20.36 24.50 20.48
C GLN D 92 -21.25 23.37 20.00
N ALA D 93 -22.04 22.81 20.90
CA ALA D 93 -22.86 21.64 20.59
C ALA D 93 -24.07 22.04 19.72
N LYS D 94 -24.24 21.35 18.57
CA LYS D 94 -25.37 21.60 17.68
C LYS D 94 -26.49 20.58 17.89
N GLN D 95 -26.06 19.31 17.94
CA GLN D 95 -26.99 18.16 18.00
C GLN D 95 -26.29 16.83 18.36
N LEU D 96 -27.10 15.86 18.79
CA LEU D 96 -26.68 14.55 19.24
C LEU D 96 -27.61 13.55 18.58
N HIS D 97 -27.06 12.51 17.97
CA HIS D 97 -27.88 11.43 17.41
C HIS D 97 -27.18 10.10 17.58
N LEU D 98 -27.87 9.03 17.19
CA LEU D 98 -27.30 7.73 17.31
C LEU D 98 -27.36 6.86 16.08
N HIS D 99 -26.50 5.85 16.11
CA HIS D 99 -26.44 4.76 15.17
C HIS D 99 -26.61 3.49 15.95
N TRP D 100 -27.34 2.52 15.40
CA TRP D 100 -27.62 1.33 16.14
C TRP D 100 -28.05 0.16 15.27
N SER D 101 -28.10 -1.00 15.92
CA SER D 101 -28.67 -2.22 15.34
C SER D 101 -29.63 -2.86 16.37
N ASP D 102 -29.87 -4.16 16.22
CA ASP D 102 -30.68 -4.93 17.18
C ASP D 102 -29.97 -6.15 17.72
N LEU D 103 -28.65 -6.22 17.50
CA LEU D 103 -27.80 -7.29 18.00
C LEU D 103 -26.63 -6.63 18.78
N PRO D 104 -26.18 -7.25 19.90
CA PRO D 104 -25.19 -6.58 20.77
C PRO D 104 -23.82 -6.36 20.17
N TYR D 105 -23.51 -7.08 19.09
CA TYR D 105 -22.17 -7.05 18.50
C TYR D 105 -22.08 -6.23 17.26
N LYS D 106 -23.15 -5.55 16.89
CA LYS D 106 -23.08 -4.55 15.80
C LYS D 106 -24.05 -3.41 16.15
N GLY D 107 -24.03 -2.36 15.35
CA GLY D 107 -24.69 -1.11 15.68
C GLY D 107 -23.73 0.09 15.81
N SER D 108 -22.49 -0.11 16.23
CA SER D 108 -21.54 1.05 16.26
C SER D 108 -20.95 1.30 14.85
N GLU D 109 -20.50 2.50 14.63
CA GLU D 109 -19.89 2.86 13.37
C GLU D 109 -18.37 2.56 13.45
N HIS D 110 -17.71 3.12 14.46
CA HIS D 110 -16.31 2.81 14.72
C HIS D 110 -16.27 1.46 15.41
N SER D 111 -15.16 0.76 15.24
CA SER D 111 -14.82 -0.37 16.08
C SER D 111 -13.48 -0.09 16.83
N LEU D 112 -13.36 -0.66 18.01
CA LEU D 112 -12.13 -0.68 18.79
C LEU D 112 -11.57 -2.07 18.77
N ASP D 113 -10.40 -2.25 18.20
CA ASP D 113 -9.78 -3.56 18.08
C ASP D 113 -10.69 -4.59 17.44
N GLY D 114 -11.41 -4.16 16.40
CA GLY D 114 -12.29 -5.06 15.68
C GLY D 114 -13.62 -5.34 16.37
N GLU D 115 -13.80 -4.86 17.59
CA GLU D 115 -15.05 -5.09 18.29
C GLU D 115 -16.02 -3.97 17.97
N HIS D 116 -17.20 -4.33 17.48
CA HIS D 116 -18.27 -3.37 17.28
C HIS D 116 -19.12 -3.39 18.52
N PHE D 117 -19.72 -2.25 18.83
CA PHE D 117 -20.68 -2.16 19.93
C PHE D 117 -22.15 -2.05 19.45
N ALA D 118 -23.09 -1.98 20.40
CA ALA D 118 -24.51 -2.09 20.12
C ALA D 118 -25.11 -0.82 19.55
N MET D 119 -24.54 0.32 19.98
CA MET D 119 -24.84 1.62 19.38
C MET D 119 -23.60 2.52 19.37
N GLU D 120 -23.70 3.66 18.71
CA GLU D 120 -22.73 4.71 18.87
C GLU D 120 -23.45 6.04 18.87
N MET D 121 -23.20 6.82 19.89
CA MET D 121 -23.78 8.14 20.01
C MET D 121 -22.80 9.18 19.52
N HIS D 122 -23.29 10.15 18.76
CA HIS D 122 -22.48 11.25 18.22
C HIS D 122 -22.98 12.58 18.68
N ILE D 123 -22.14 13.30 19.42
CA ILE D 123 -22.44 14.69 19.78
C ILE D 123 -21.64 15.64 18.89
N VAL D 124 -22.36 16.33 18.00
CA VAL D 124 -21.79 17.14 16.93
C VAL D 124 -21.58 18.58 17.40
N HIS D 125 -20.34 19.06 17.37
CA HIS D 125 -20.05 20.44 17.71
C HIS D 125 -19.38 21.14 16.52
N GLU D 126 -19.40 22.47 16.55
CA GLU D 126 -18.61 23.29 15.62
C GLU D 126 -17.70 24.27 16.32
N LYS D 127 -16.56 24.52 15.70
CA LYS D 127 -15.54 25.42 16.21
C LYS D 127 -16.12 26.82 16.30
N GLU D 128 -16.02 27.40 17.49
CA GLU D 128 -16.54 28.74 17.76
C GLU D 128 -15.71 29.74 17.02
N LYS D 129 -16.39 30.57 16.23
CA LYS D 129 -15.71 31.61 15.48
C LYS D 129 -15.11 32.61 16.47
N GLY D 130 -13.85 32.97 16.24
CA GLY D 130 -13.17 34.02 16.98
C GLY D 130 -12.50 33.56 18.27
N THR D 131 -12.44 32.24 18.48
CA THR D 131 -11.97 31.67 19.77
C THR D 131 -10.80 30.70 19.63
N SER D 132 -10.25 30.52 18.44
CA SER D 132 -9.10 29.63 18.27
C SER D 132 -7.84 30.28 18.81
N ARG D 133 -6.88 29.50 19.28
CA ARG D 133 -5.67 30.09 19.85
C ARG D 133 -4.93 30.98 18.85
N ASN D 134 -4.89 30.56 17.59
CA ASN D 134 -4.39 31.42 16.51
C ASN D 134 -5.30 31.42 15.28
N VAL D 135 -4.98 32.30 14.33
CA VAL D 135 -5.67 32.43 13.05
C VAL D 135 -5.65 31.14 12.20
N LYS D 136 -4.48 30.55 12.02
CA LYS D 136 -4.27 29.31 11.23
C LYS D 136 -5.19 28.17 11.63
N GLU D 137 -5.33 28.00 12.96
CA GLU D 137 -6.27 27.05 13.53
C GLU D 137 -7.70 27.46 13.24
N ALA D 138 -8.01 28.75 13.39
CA ALA D 138 -9.36 29.26 13.13
C ALA D 138 -9.84 28.95 11.72
N GLN D 139 -8.92 28.97 10.76
CA GLN D 139 -9.20 28.79 9.31
C GLN D 139 -9.11 27.33 8.79
N ASP D 140 -8.50 26.44 9.56
CA ASP D 140 -8.35 25.04 9.21
C ASP D 140 -9.71 24.38 8.90
N PRO D 141 -9.94 24.01 7.63
CA PRO D 141 -11.25 23.44 7.30
C PRO D 141 -11.41 22.01 7.86
N GLU D 142 -10.28 21.32 8.09
CA GLU D 142 -10.27 19.90 8.42
C GLU D 142 -10.86 19.55 9.78
N ASP D 143 -10.98 20.54 10.68
CA ASP D 143 -11.57 20.36 12.02
C ASP D 143 -12.67 21.36 12.34
N GLU D 144 -13.41 21.78 11.32
CA GLU D 144 -14.52 22.67 11.58
C GLU D 144 -15.57 22.05 12.51
N ILE D 145 -15.70 20.73 12.42
CA ILE D 145 -16.66 19.98 13.22
C ILE D 145 -15.86 19.06 14.15
N ALA D 146 -16.26 19.05 15.42
CA ALA D 146 -15.83 18.10 16.41
C ALA D 146 -17.01 17.18 16.76
N VAL D 147 -16.87 15.88 16.50
CA VAL D 147 -17.81 14.91 16.99
C VAL D 147 -17.17 14.11 18.14
N LEU D 148 -17.93 14.04 19.24
CA LEU D 148 -17.67 13.12 20.34
C LEU D 148 -18.46 11.85 20.13
N ALA D 149 -17.75 10.73 20.01
CA ALA D 149 -18.37 9.45 19.75
C ALA D 149 -18.27 8.63 20.98
N PHE D 150 -19.42 8.16 21.44
CA PHE D 150 -19.50 7.20 22.55
C PHE D 150 -20.06 5.87 22.07
N LEU D 151 -19.37 4.80 22.43
CA LEU D 151 -19.83 3.47 22.15
C LEU D 151 -20.81 3.04 23.25
N VAL D 152 -21.82 2.26 22.85
CA VAL D 152 -22.82 1.78 23.78
C VAL D 152 -22.69 0.30 23.86
N GLU D 153 -22.45 -0.19 25.08
CA GLU D 153 -22.36 -1.61 25.35
C GLU D 153 -23.70 -2.16 25.87
N ALA D 154 -24.17 -3.24 25.24
CA ALA D 154 -25.43 -3.84 25.64
C ALA D 154 -25.21 -4.64 26.90
N GLY D 155 -26.14 -4.53 27.83
CA GLY D 155 -26.11 -5.31 29.07
C GLY D 155 -27.49 -5.73 29.59
N THR D 156 -27.57 -5.97 30.89
CA THR D 156 -28.83 -6.47 31.49
C THR D 156 -29.34 -5.58 32.61
N GLN D 157 -28.72 -4.40 32.78
CA GLN D 157 -29.17 -3.41 33.77
C GLN D 157 -29.75 -2.21 33.08
N VAL D 158 -30.79 -1.63 33.67
CA VAL D 158 -31.35 -0.39 33.16
C VAL D 158 -30.55 0.83 33.61
N ASN D 159 -30.17 1.64 32.60
CA ASN D 159 -29.50 2.91 32.79
C ASN D 159 -30.53 4.03 32.91
N GLU D 160 -30.82 4.39 34.15
CA GLU D 160 -31.86 5.35 34.44
C GLU D 160 -31.61 6.72 33.79
N GLY D 161 -30.34 7.13 33.73
CA GLY D 161 -29.92 8.36 33.05
C GLY D 161 -30.40 8.43 31.63
N PHE D 162 -30.51 7.29 30.98
CA PHE D 162 -30.94 7.23 29.60
C PHE D 162 -32.43 7.24 29.42
N GLN D 163 -33.20 7.07 30.48
CA GLN D 163 -34.61 6.77 30.29
C GLN D 163 -35.45 7.88 29.65
N PRO D 164 -35.15 9.17 29.96
CA PRO D 164 -35.97 10.22 29.34
C PRO D 164 -35.91 10.18 27.81
N LEU D 165 -34.77 9.84 27.25
CA LEU D 165 -34.64 9.71 25.80
C LEU D 165 -35.42 8.49 25.29
N VAL D 166 -35.21 7.35 25.95
CA VAL D 166 -35.90 6.11 25.57
C VAL D 166 -37.44 6.29 25.56
N GLU D 167 -37.94 6.96 26.59
CA GLU D 167 -39.38 7.15 26.75
C GLU D 167 -39.98 8.10 25.71
N ALA D 168 -39.22 9.10 25.25
CA ALA D 168 -39.61 9.97 24.13
C ALA D 168 -39.82 9.24 22.79
N LEU D 169 -39.17 8.11 22.57
CA LEU D 169 -39.15 7.50 21.24
C LEU D 169 -40.57 7.11 20.70
N SER D 170 -41.44 6.65 21.59
CA SER D 170 -42.84 6.35 21.27
C SER D 170 -43.65 7.51 20.70
N ASN D 171 -43.28 8.72 21.06
CA ASN D 171 -43.88 9.92 20.46
C ASN D 171 -43.40 10.32 19.07
N ILE D 172 -42.33 9.70 18.56
CA ILE D 172 -41.73 10.09 17.27
C ILE D 172 -41.42 8.92 16.33
N PRO D 173 -42.42 8.06 16.06
CA PRO D 173 -42.22 6.84 15.30
C PRO D 173 -41.91 7.04 13.81
N LYS D 174 -42.43 8.12 13.22
CA LYS D 174 -42.22 8.41 11.82
C LYS D 174 -41.29 9.59 11.60
N PRO D 175 -40.64 9.64 10.44
CA PRO D 175 -39.81 10.80 10.12
C PRO D 175 -40.60 12.11 10.19
N GLU D 176 -39.92 13.19 10.56
CA GLU D 176 -40.47 14.53 10.64
C GLU D 176 -41.43 14.67 11.82
N MET D 177 -41.25 13.82 12.83
CA MET D 177 -41.89 14.00 14.12
C MET D 177 -40.84 14.44 15.15
N SER D 178 -41.28 15.27 16.10
CA SER D 178 -40.48 15.68 17.22
C SER D 178 -41.31 15.64 18.50
N THR D 179 -40.62 15.69 19.63
CA THR D 179 -41.25 15.69 20.92
C THR D 179 -40.26 16.31 21.93
N THR D 180 -40.77 16.57 23.12
CA THR D 180 -40.00 17.15 24.19
C THR D 180 -39.65 16.10 25.23
N MET D 181 -38.37 15.98 25.57
CA MET D 181 -37.96 15.02 26.59
C MET D 181 -38.25 15.59 27.98
N ALA D 182 -38.48 14.69 28.92
CA ALA D 182 -38.47 15.02 30.33
C ALA D 182 -37.10 15.52 30.73
N GLU D 183 -37.07 16.26 31.84
CA GLU D 183 -35.86 16.94 32.32
C GLU D 183 -34.65 16.02 32.33
N SER D 184 -33.55 16.43 31.73
CA SER D 184 -32.34 15.64 31.77
C SER D 184 -31.18 16.48 31.35
N SER D 185 -29.99 15.99 31.66
CA SER D 185 -28.77 16.57 31.21
C SER D 185 -28.09 15.66 30.21
N LEU D 186 -27.16 16.25 29.48
CA LEU D 186 -26.27 15.52 28.63
C LEU D 186 -25.42 14.52 29.40
N LEU D 187 -24.95 14.90 30.60
CA LEU D 187 -24.15 14.00 31.42
C LEU D 187 -24.90 12.78 31.90
N ASP D 188 -26.23 12.86 32.08
CA ASP D 188 -27.04 11.67 32.37
C ASP D 188 -26.88 10.61 31.28
N LEU D 189 -26.61 11.07 30.05
CA LEU D 189 -26.48 10.16 28.92
C LEU D 189 -25.10 9.53 28.82
N LEU D 190 -24.13 10.01 29.60
CA LEU D 190 -22.72 9.74 29.35
C LEU D 190 -22.13 8.90 30.45
N PRO D 191 -20.94 8.29 30.21
CA PRO D 191 -20.19 7.67 31.30
C PRO D 191 -19.79 8.74 32.29
N LYS D 192 -19.40 8.34 33.50
CA LYS D 192 -18.92 9.29 34.50
C LYS D 192 -17.80 10.12 33.90
N GLU D 193 -17.75 11.39 34.28
CA GLU D 193 -16.82 12.30 33.64
C GLU D 193 -15.35 11.88 33.80
N GLU D 194 -15.02 11.36 34.97
CA GLU D 194 -13.67 10.89 35.27
C GLU D 194 -13.28 9.71 34.37
N LYS D 195 -14.24 8.98 33.82
CA LYS D 195 -13.94 7.89 32.91
C LYS D 195 -13.82 8.33 31.48
N LEU D 196 -13.85 9.64 31.21
CA LEU D 196 -13.67 10.17 29.87
C LEU D 196 -12.25 10.70 29.59
N ARG D 197 -11.28 10.48 30.46
CA ARG D 197 -9.92 10.92 30.17
C ARG D 197 -9.21 10.12 29.08
N HIS D 198 -9.60 8.86 28.89
CA HIS D 198 -9.04 8.04 27.83
C HIS D 198 -9.86 8.15 26.56
N TYR D 199 -9.23 8.63 25.50
CA TYR D 199 -9.93 8.78 24.24
C TYR D 199 -8.94 8.66 23.08
N PHE D 200 -9.46 8.25 21.91
CA PHE D 200 -8.74 8.21 20.63
C PHE D 200 -9.18 9.39 19.77
N ARG D 201 -8.27 9.88 18.92
CA ARG D 201 -8.40 11.10 18.19
C ARG D 201 -7.88 10.86 16.78
N TYR D 202 -8.64 11.26 15.75
CA TYR D 202 -8.12 11.24 14.40
C TYR D 202 -8.90 12.24 13.56
N LEU D 203 -8.39 12.53 12.38
CA LEU D 203 -9.06 13.45 11.48
C LEU D 203 -9.83 12.67 10.45
N GLY D 204 -11.07 13.06 10.17
CA GLY D 204 -11.85 12.32 9.20
C GLY D 204 -13.08 13.03 8.71
N SER D 205 -14.13 12.25 8.43
CA SER D 205 -15.33 12.79 7.77
C SER D 205 -16.60 12.61 8.53
N LEU D 206 -17.61 13.30 8.02
CA LEU D 206 -18.98 13.00 8.34
C LEU D 206 -19.32 11.63 7.77
N THR D 207 -20.15 10.91 8.51
CA THR D 207 -20.49 9.52 8.14
C THR D 207 -21.81 9.39 7.41
N THR D 208 -22.50 10.50 7.16
CA THR D 208 -23.59 10.50 6.21
C THR D 208 -23.28 11.55 5.11
N PRO D 209 -23.93 11.44 3.94
CA PRO D 209 -23.68 12.41 2.85
C PRO D 209 -23.88 13.85 3.29
N THR D 210 -23.04 14.81 2.87
CA THR D 210 -22.03 14.68 1.82
C THR D 210 -20.66 14.16 2.29
N CYS D 211 -20.56 13.66 3.52
CA CYS D 211 -19.31 13.02 4.01
C CYS D 211 -18.10 13.95 3.98
N ASP D 212 -18.32 15.18 4.40
CA ASP D 212 -17.31 16.21 4.27
C ASP D 212 -16.18 15.85 5.23
N GLU D 213 -14.96 15.98 4.72
CA GLU D 213 -13.74 15.63 5.47
C GLU D 213 -13.30 16.86 6.25
N LYS D 214 -14.13 17.25 7.22
CA LYS D 214 -13.91 18.41 8.07
C LYS D 214 -14.19 18.10 9.52
N VAL D 215 -14.09 16.82 9.90
CA VAL D 215 -14.29 16.40 11.26
C VAL D 215 -13.00 15.99 11.97
N VAL D 216 -12.76 16.58 13.14
CA VAL D 216 -11.85 16.03 14.14
C VAL D 216 -12.67 15.14 15.06
N TRP D 217 -12.33 13.86 15.06
CA TRP D 217 -13.07 12.83 15.76
C TRP D 217 -12.47 12.56 17.09
N THR D 218 -13.34 12.32 18.08
CA THR D 218 -12.96 11.79 19.37
C THR D 218 -13.82 10.53 19.70
N VAL D 219 -13.16 9.40 19.98
CA VAL D 219 -13.84 8.17 20.37
C VAL D 219 -13.38 7.83 21.77
N PHE D 220 -14.31 7.87 22.72
CA PHE D 220 -14.00 7.61 24.11
C PHE D 220 -13.83 6.12 24.29
N ARG D 221 -12.82 5.75 25.09
CA ARG D 221 -12.56 4.36 25.38
C ARG D 221 -13.71 3.76 26.20
N GLU D 222 -14.29 4.54 27.11
CA GLU D 222 -15.27 3.98 28.05
C GLU D 222 -16.67 3.92 27.40
N PRO D 223 -17.27 2.73 27.34
CA PRO D 223 -18.62 2.68 26.76
C PRO D 223 -19.74 3.19 27.69
N ILE D 224 -20.87 3.62 27.12
CA ILE D 224 -22.13 3.75 27.86
C ILE D 224 -22.75 2.36 27.98
N GLN D 225 -23.17 2.03 29.19
CA GLN D 225 -23.81 0.77 29.50
C GLN D 225 -25.31 1.01 29.41
N LEU D 226 -26.01 0.23 28.59
CA LEU D 226 -27.49 0.32 28.42
C LEU D 226 -28.08 -1.05 28.40
N HIS D 227 -29.27 -1.22 28.96
CA HIS D 227 -29.97 -2.49 28.83
C HIS D 227 -30.16 -2.79 27.36
N ARG D 228 -29.99 -4.07 27.00
CA ARG D 228 -30.54 -4.64 25.74
C ARG D 228 -31.88 -3.98 25.26
N GLU D 229 -32.81 -3.78 26.19
CA GLU D 229 -34.16 -3.36 25.89
C GLU D 229 -34.19 -1.87 25.69
N GLN D 230 -33.30 -1.13 26.33
CA GLN D 230 -33.16 0.29 26.05
C GLN D 230 -32.62 0.48 24.65
N ILE D 231 -31.70 -0.40 24.23
CA ILE D 231 -31.22 -0.35 22.85
C ILE D 231 -32.30 -0.78 21.89
N LEU D 232 -33.05 -1.84 22.22
CA LEU D 232 -34.08 -2.34 21.28
C LEU D 232 -35.30 -1.43 21.17
N ALA D 233 -35.47 -0.54 22.13
CA ALA D 233 -36.54 0.46 22.05
C ALA D 233 -36.39 1.26 20.76
N PHE D 234 -35.15 1.54 20.35
CA PHE D 234 -34.96 2.34 19.14
C PHE D 234 -35.58 1.64 17.88
N SER D 235 -35.26 0.36 17.66
CA SER D 235 -35.81 -0.38 16.52
C SER D 235 -37.26 -0.87 16.72
N GLN D 236 -37.72 -0.96 17.95
CA GLN D 236 -39.13 -1.29 18.26
C GLN D 236 -40.11 -0.15 17.96
N LYS D 237 -39.63 1.07 18.19
CA LYS D 237 -40.47 2.23 18.21
C LYS D 237 -40.35 3.09 17.00
N LEU D 238 -39.17 3.15 16.39
CA LEU D 238 -38.93 4.03 15.26
C LEU D 238 -38.96 3.32 13.93
N TYR D 239 -39.29 4.10 12.90
CA TYR D 239 -39.37 3.64 11.54
C TYR D 239 -38.63 4.62 10.63
N TYR D 240 -38.11 4.12 9.52
CA TYR D 240 -37.44 4.95 8.51
C TYR D 240 -38.47 5.74 7.68
N ASP D 241 -39.70 5.22 7.58
CA ASP D 241 -40.73 5.77 6.67
C ASP D 241 -42.02 6.14 7.35
N LYS D 242 -42.76 7.05 6.73
CA LYS D 242 -44.06 7.47 7.22
C LYS D 242 -45.09 6.32 7.20
N GLU D 243 -44.97 5.39 6.25
CA GLU D 243 -45.86 4.23 6.15
C GLU D 243 -45.60 3.19 7.24
N GLN D 244 -44.53 3.37 7.98
CA GLN D 244 -44.09 2.48 9.05
C GLN D 244 -43.93 1.05 8.58
N THR D 245 -43.20 0.88 7.49
CA THR D 245 -42.90 -0.45 6.98
C THR D 245 -41.50 -0.95 7.28
N VAL D 246 -40.51 -0.05 7.45
CA VAL D 246 -39.16 -0.45 7.81
C VAL D 246 -38.73 0.10 9.17
N SER D 247 -38.60 -0.82 10.15
CA SER D 247 -38.07 -0.50 11.46
C SER D 247 -36.65 0.15 11.35
N MET D 248 -36.44 1.22 12.11
CA MET D 248 -35.18 1.93 12.01
C MET D 248 -34.11 1.21 12.84
N LYS D 249 -33.11 0.72 12.13
CA LYS D 249 -31.93 0.06 12.69
C LYS D 249 -30.93 -0.10 11.53
N ASP D 250 -29.71 -0.45 11.87
CA ASP D 250 -28.62 -0.61 10.95
C ASP D 250 -28.38 0.62 10.14
N ASN D 251 -28.57 1.74 10.82
CA ASN D 251 -28.29 3.02 10.24
C ASN D 251 -26.81 3.32 10.42
N VAL D 252 -25.95 2.42 9.90
CA VAL D 252 -24.49 2.51 10.10
C VAL D 252 -23.72 2.46 8.77
N ARG D 253 -22.78 3.37 8.61
CA ARG D 253 -21.89 3.39 7.46
C ARG D 253 -20.84 2.32 7.67
N PRO D 254 -20.55 1.53 6.64
CA PRO D 254 -19.46 0.56 6.79
C PRO D 254 -18.10 1.21 6.99
N LEU D 255 -17.22 0.41 7.56
CA LEU D 255 -15.87 0.81 7.86
C LEU D 255 -15.10 1.29 6.68
N GLN D 256 -14.45 2.43 6.85
CA GLN D 256 -13.62 3.05 5.83
C GLN D 256 -12.18 2.72 6.09
N GLN D 257 -11.35 3.10 5.15
CA GLN D 257 -9.93 2.78 5.18
C GLN D 257 -9.16 3.91 5.84
N LEU D 258 -8.28 3.59 6.77
CA LEU D 258 -7.46 4.59 7.43
C LEU D 258 -6.54 5.32 6.48
N GLY D 259 -5.92 4.57 5.58
CA GLY D 259 -5.06 5.15 4.57
C GLY D 259 -3.86 5.79 5.19
N GLN D 260 -3.58 7.02 4.78
CA GLN D 260 -2.36 7.73 5.20
C GLN D 260 -2.39 8.26 6.65
N ARG D 261 -3.58 8.32 7.25
CA ARG D 261 -3.79 9.05 8.51
C ARG D 261 -3.21 8.34 9.68
N THR D 262 -3.03 9.06 10.78
CA THR D 262 -2.61 8.48 12.07
C THR D 262 -3.70 8.66 13.09
N VAL D 263 -3.80 7.69 13.99
CA VAL D 263 -4.69 7.77 15.17
C VAL D 263 -3.82 7.90 16.39
N ILE D 264 -4.16 8.87 17.22
CA ILE D 264 -3.48 9.09 18.51
C ILE D 264 -4.46 8.96 19.66
N LYS D 265 -3.93 8.92 20.87
CA LYS D 265 -4.75 8.85 22.09
C LYS D 265 -4.13 9.63 23.25
N SER D 266 -4.96 9.90 24.22
CA SER D 266 -4.57 10.57 25.44
C SER D 266 -3.86 9.57 26.33
ZN ZN E . -7.71 -23.41 6.62
N1 EZL F . -9.49 -24.29 7.30
C2 EZL F . -11.38 -28.17 7.09
C3 EZL F . -10.18 -29.02 7.19
C4 EZL F . -10.24 -30.36 6.85
C5 EZL F . -11.44 -30.89 6.36
C8 EZL F . -10.52 -33.01 5.47
O1 EZL F . -7.79 -25.52 8.80
O2 EZL F . -9.92 -24.93 9.55
S1 EZL F . -9.17 -25.38 8.42
C1 EZL F . -9.76 -26.83 7.88
N2 EZL F . -11.06 -26.93 7.49
S2 EZL F . -8.79 -28.29 7.79
C6 EZL F . -12.57 -30.09 6.23
C7 EZL F . -12.55 -28.76 6.60
O3 EZL F . -11.58 -32.21 6.00
C9 EZL F . -10.99 -33.72 4.21
S SO4 G . -14.97 -22.01 25.90
O1 SO4 G . -14.50 -20.63 26.05
O2 SO4 G . -14.68 -22.52 24.54
O3 SO4 G . -16.43 -22.17 26.08
O4 SO4 G . -14.20 -22.79 26.88
S SO4 H . 13.18 -32.51 13.41
O1 SO4 H . 12.51 -31.77 12.34
O2 SO4 H . 14.35 -31.71 13.84
O3 SO4 H . 13.56 -33.86 12.91
O4 SO4 H . 12.31 -32.69 14.60
C1 GOL I . 6.19 -33.59 19.55
O1 GOL I . 7.21 -32.97 20.35
C2 GOL I . 5.91 -35.07 19.87
O2 GOL I . 5.02 -35.53 18.85
C3 GOL I . 7.16 -35.97 19.93
O3 GOL I . 6.77 -37.35 19.71
ZN ZN J . 2.72 -0.42 -26.40
N1 EZL K . 4.35 -0.34 -27.67
C2 EZL K . 5.12 -2.17 -31.63
C3 EZL K . 3.74 -2.18 -32.15
C4 EZL K . 3.40 -2.97 -33.25
C5 EZL K . 4.39 -3.76 -33.87
C8 EZL K . 3.46 -4.20 -36.10
O1 EZL K . 2.68 1.04 -29.00
O2 EZL K . 5.02 1.28 -29.28
S1 EZL K . 3.95 0.36 -29.04
C1 EZL K . 4.06 -0.74 -30.29
N2 EZL K . 5.22 -1.35 -30.58
S2 EZL K . 2.70 -1.16 -31.28
C6 EZL K . 5.69 -3.75 -33.40
C7 EZL K . 6.04 -2.95 -32.32
O3 EZL K . 4.19 -4.60 -34.93
C9 EZL K . 2.11 -4.89 -36.11
S SO4 L . 12.82 16.58 -32.45
O1 SO4 L . 12.48 17.46 -33.58
O2 SO4 L . 14.20 16.05 -32.61
O3 SO4 L . 12.67 17.30 -31.15
O4 SO4 L . 11.89 15.43 -32.56
S SO4 M . -18.87 7.83 -32.78
O1 SO4 M . -18.15 8.74 -33.70
O2 SO4 M . -19.58 6.81 -33.59
O3 SO4 M . -19.77 8.67 -31.95
O4 SO4 M . -18.01 7.11 -31.80
C ACT N . 26.09 -11.60 -21.71
O ACT N . 27.07 -12.15 -22.24
OXT ACT N . 25.00 -12.20 -21.58
CH3 ACT N . 26.16 -10.18 -21.21
C1 GOL O . -11.17 11.64 -36.98
O1 GOL O . -11.29 12.95 -36.41
C2 GOL O . -11.35 11.66 -38.49
O2 GOL O . -10.38 10.83 -39.17
C3 GOL O . -12.79 11.25 -38.86
O3 GOL O . -12.91 11.00 -40.26
ZN ZN P . 26.59 6.79 0.26
N1 EZL Q . 25.44 5.62 1.59
C2 EZL Q . 26.10 3.60 5.39
C3 EZL Q . 27.14 4.50 5.91
C4 EZL Q . 27.97 4.07 6.96
C5 EZL Q . 27.79 2.79 7.52
C8 EZL Q . 29.24 2.97 9.58
O1 EZL Q . 25.88 7.72 2.97
O2 EZL Q . 23.83 6.49 3.19
S1 EZL Q . 25.24 6.42 2.94
C1 EZL Q . 25.91 5.48 4.15
N2 EZL Q . 25.43 4.22 4.39
S2 EZL Q . 27.22 6.02 5.17
C6 EZL Q . 26.80 1.93 7.02
C7 EZL Q . 25.98 2.34 5.98
O3 EZL Q . 28.56 2.28 8.53
C9 EZL Q . 30.72 2.65 9.52
S SO4 R . 8.05 12.31 7.31
O1 SO4 R . 7.59 12.96 6.06
O2 SO4 R . 9.47 11.86 7.14
O3 SO4 R . 7.95 13.29 8.42
O4 SO4 R . 7.23 11.10 7.57
S SO4 S . 37.20 27.20 7.50
O1 SO4 S . 37.09 28.41 6.66
O2 SO4 S . 37.70 26.09 6.66
O3 SO4 S . 35.87 26.87 8.06
O4 SO4 S . 38.14 27.43 8.62
C1 GOL T . 23.02 0.15 -10.68
O1 GOL T . 23.68 1.22 -11.38
C2 GOL T . 21.62 0.68 -10.44
O2 GOL T . 20.88 1.04 -11.64
C3 GOL T . 20.80 0.60 -9.13
O3 GOL T . 19.51 0.03 -9.29
C1 GOL U . 36.09 23.32 13.52
O1 GOL U . 36.39 23.49 12.14
C2 GOL U . 34.92 22.36 13.67
O2 GOL U . 33.84 22.84 12.86
C3 GOL U . 35.28 20.94 13.23
O3 GOL U . 34.57 19.92 13.97
ZN ZN V . -23.44 10.07 13.35
N1 EZL W . -22.63 10.82 11.53
C2 EZL W . -23.41 14.21 9.00
C3 EZL W . -23.79 15.18 10.04
C4 EZL W . -24.47 16.33 9.70
C5 EZL W . -24.81 16.59 8.36
C8 EZL W . -25.89 18.85 8.76
O1 EZL W . -21.90 12.60 13.21
O2 EZL W . -20.55 12.03 11.28
S1 EZL W . -21.89 12.22 11.82
C1 EZL W . -22.66 13.37 10.92
N2 EZL W . -22.75 13.18 9.59
S2 EZL W . -23.34 14.83 11.63
C6 EZL W . -24.45 15.67 7.37
C7 EZL W . -23.76 14.50 7.68
O3 EZL W . -25.51 17.72 7.96
C9 EZL W . -27.37 19.06 8.62
S SO4 X . -3.40 12.81 9.36
O1 SO4 X . -2.81 14.07 9.80
O2 SO4 X . -3.08 12.56 7.93
O3 SO4 X . -4.88 12.92 9.45
O4 SO4 X . -2.91 11.71 10.22
S SO4 Y . -23.35 23.14 33.65
O1 SO4 Y . -22.19 23.80 33.01
O2 SO4 Y . -23.90 22.07 32.78
O3 SO4 Y . -24.43 24.12 33.92
O4 SO4 Y . -22.92 22.49 34.93
C ACT Z . -28.89 -4.89 21.14
O ACT Z . -29.15 -4.35 20.04
OXT ACT Z . -27.80 -4.70 21.72
CH3 ACT Z . -29.94 -5.76 21.79
#